data_5DZC
#
_entry.id   5DZC
#
_cell.length_a   193.111
_cell.length_b   117.906
_cell.length_c   67.731
_cell.angle_alpha   90.000
_cell.angle_beta   95.080
_cell.angle_gamma   90.000
#
_symmetry.space_group_name_H-M   'C 1 2 1'
#
loop_
_entity.id
_entity.type
_entity.pdbx_description
1 polymer 'cGMP-dependent protein kinase, putative'
2 non-polymer 'PHOSPHOAMINOPHOSPHONIC ACID-ADENYLATE ESTER'
3 non-polymer 'UNKNOWN ATOM OR ION'
4 non-polymer 'CHLORIDE ION'
5 non-polymer 'SODIUM ION'
6 water water
#
_entity_poly.entity_id   1
_entity_poly.type   'polypeptide(L)'
_entity_poly.pdbx_seq_one_letter_code
;GMRCNERNKKKAIFSNDDFSGEDTLMEDHLQLREKLSEDIEMIKASLKNNLVCSTLNDNEILTLSNYMQFFVFKGGDLVI
KQGEKGSYFFIINSGKFDVYVNDKKVKSMGKGSSFGEAALIHNTQRSATIMAETDGTLWGVQRSTFRATLKQLSNRNFNE
NRSFIDSVSVFDMLTEAQKNMITNACVIQMFKPGETIVKQGDYGDVLFILKEGKATVFINDKEIRVLNKGSYFGERALLY
DEPRSATIIAKEPTACASICRKLLNIVLGNLQVVLFRNIMTEALQQSEIFRQFSAEQLNDLADTAIVRDYPANYHILHKD
KVKSVKYLIVLEGKVELFLDDESIGILTRGKSFGDQYVLNQKQKFRHTVKSLDVCKIALITESCLADCLGDNNIDASIDH
NNKKSIIKKMYIFRYLSEQQCNLLIEAFRTTRYEEGDYIIQEGEVGSRFYIIKNGEVEVTKNGKRLRTLGKNDYFGERAL
LYDEPRTASIISKATSVECWFVDKSVFLQIIQGPMLTHLEERIKMQDTKVEMHELETERIIGRGTFGTVKLVHHKPTQIR
YALKCVSKRSIISLNQQNNIKLEREITAENDHPFIIRLVRTFKDSNCFYFLTELVTGGELYDAIRKLGLLSKPQAQFYLG
SIILAIEYLHERNIVYRDLKPENILLDKQGYVKLIDFGCAKKIQGRAYTLVGTPHYMAPEVILGKGYGCTVDIWALGVCL
YEFICGPLPFGNDQEDQLEIFRDILTGQLTFPDYVSDQDSINLMKRLLCRLPQGRIGCSINGFKDIKEHAFFGNFNWDKL
AGRLLEPPLVSKGETYAEDIDIKQIEEEDALNEGEPLDGDDSWDVDF
;
_entity_poly.pdbx_strand_id   A
#
# COMPACT_ATOMS: atom_id res chain seq x y z
N GLY A 1 -33.28 0.89 61.87
CA GLY A 1 -32.25 0.26 60.98
C GLY A 1 -32.71 0.20 59.53
N MET A 2 -32.80 1.36 58.90
CA MET A 2 -33.33 1.49 57.53
C MET A 2 -32.40 0.75 56.58
N ARG A 3 -32.97 0.26 55.49
CA ARG A 3 -32.24 -0.56 54.53
C ARG A 3 -32.29 0.11 53.17
N CYS A 4 -31.20 -0.02 52.43
CA CYS A 4 -31.13 0.44 51.06
C CYS A 4 -32.17 -0.26 50.20
N ASN A 5 -33.04 0.51 49.54
CA ASN A 5 -34.04 -0.05 48.61
C ASN A 5 -33.65 0.14 47.14
N GLU A 6 -32.38 -0.11 46.83
CA GLU A 6 -31.88 -0.02 45.45
C GLU A 6 -32.47 -1.12 44.57
N LYS A 9 -30.49 -2.33 41.02
CA LYS A 9 -30.04 -3.10 42.17
C LYS A 9 -28.61 -3.60 41.97
N LYS A 10 -27.94 -3.96 43.07
CA LYS A 10 -26.58 -4.52 43.04
C LYS A 10 -26.52 -5.89 42.35
N LYS A 11 -25.69 -6.01 41.32
CA LYS A 11 -25.61 -7.21 40.49
C LYS A 11 -24.30 -7.94 40.73
N ALA A 12 -24.30 -9.23 40.41
CA ALA A 12 -23.20 -10.13 40.73
C ALA A 12 -22.14 -10.17 39.64
N ILE A 13 -20.92 -10.52 40.05
CA ILE A 13 -19.80 -10.76 39.15
C ILE A 13 -19.88 -12.20 38.64
N PHE A 14 -19.56 -12.39 37.35
CA PHE A 14 -19.71 -13.66 36.65
C PHE A 14 -18.35 -14.34 36.40
N SER A 15 -18.39 -15.61 35.99
CA SER A 15 -17.20 -16.45 35.81
C SER A 15 -16.66 -16.40 34.38
N ASN A 16 -15.34 -16.52 34.25
CA ASN A 16 -14.65 -16.74 32.96
C ASN A 16 -13.60 -17.84 33.11
N SER A 20 -8.68 -21.13 28.86
CA SER A 20 -8.16 -21.77 27.66
C SER A 20 -8.37 -23.29 27.71
N GLY A 21 -7.96 -23.91 28.80
CA GLY A 21 -8.04 -25.36 28.98
C GLY A 21 -6.65 -25.95 28.98
N GLU A 22 -5.92 -25.74 27.89
CA GLU A 22 -4.50 -26.11 27.81
C GLU A 22 -3.64 -25.21 28.69
N ASP A 23 -3.94 -23.90 28.68
CA ASP A 23 -3.23 -22.93 29.53
C ASP A 23 -3.48 -23.13 31.05
N THR A 24 -4.59 -23.80 31.40
CA THR A 24 -4.88 -24.13 32.80
C THR A 24 -4.01 -25.28 33.33
N LEU A 25 -3.80 -26.30 32.50
CA LEU A 25 -2.97 -27.46 32.88
C LEU A 25 -1.51 -27.09 33.12
N MET A 26 -0.90 -26.35 32.19
CA MET A 26 0.52 -25.95 32.30
C MET A 26 0.80 -25.08 33.52
N GLU A 27 -0.20 -24.30 33.94
CA GLU A 27 -0.08 -23.47 35.13
C GLU A 27 0.18 -24.30 36.39
N ASP A 28 -0.31 -25.54 36.44
CA ASP A 28 -0.05 -26.45 37.56
C ASP A 28 1.41 -26.92 37.62
N HIS A 29 2.03 -27.13 36.47
CA HIS A 29 3.40 -27.64 36.39
C HIS A 29 4.50 -26.56 36.41
N LEU A 30 4.10 -25.28 36.34
CA LEU A 30 5.04 -24.16 36.25
C LEU A 30 5.83 -23.96 37.55
N GLN A 31 7.14 -23.74 37.42
CA GLN A 31 8.00 -23.38 38.55
C GLN A 31 9.04 -22.37 38.13
N LEU A 32 9.62 -21.69 39.11
CA LEU A 32 10.75 -20.77 38.88
C LEU A 32 12.04 -21.59 38.74
N ARG A 33 12.95 -21.08 37.91
CA ARG A 33 14.31 -21.64 37.82
C ARG A 33 15.29 -20.62 37.26
N GLU A 34 16.47 -20.55 37.85
CA GLU A 34 17.56 -19.74 37.34
C GLU A 34 18.07 -20.35 36.04
N LYS A 35 18.37 -19.48 35.07
CA LYS A 35 18.76 -19.90 33.73
C LYS A 35 20.28 -19.99 33.67
N LEU A 36 20.80 -21.21 33.67
CA LEU A 36 22.24 -21.47 33.63
C LEU A 36 22.80 -21.27 32.21
N SER A 37 24.11 -21.41 32.07
CA SER A 37 24.77 -21.33 30.75
C SER A 37 24.29 -22.45 29.82
N GLU A 38 24.23 -23.67 30.35
CA GLU A 38 23.84 -24.86 29.59
C GLU A 38 22.38 -24.83 29.13
N ASP A 39 21.50 -24.27 29.96
CA ASP A 39 20.09 -24.07 29.61
C ASP A 39 19.93 -23.15 28.41
N ILE A 40 20.54 -21.97 28.52
CA ILE A 40 20.50 -20.92 27.48
C ILE A 40 21.04 -21.44 26.15
N GLU A 41 22.15 -22.18 26.17
CA GLU A 41 22.74 -22.71 24.93
C GLU A 41 21.93 -23.83 24.28
N MET A 42 21.24 -24.65 25.09
CA MET A 42 20.36 -25.72 24.55
C MET A 42 19.12 -25.11 23.89
N ILE A 43 18.47 -24.20 24.60
CA ILE A 43 17.31 -23.48 24.06
C ILE A 43 17.74 -22.74 22.80
N LYS A 44 18.85 -21.99 22.90
CA LYS A 44 19.44 -21.29 21.76
C LYS A 44 19.71 -22.21 20.57
N ALA A 45 20.18 -23.44 20.82
CA ALA A 45 20.38 -24.42 19.76
C ALA A 45 19.04 -24.91 19.18
N SER A 46 18.11 -25.25 20.08
CA SER A 46 16.77 -25.74 19.71
C SER A 46 15.96 -24.77 18.84
N LEU A 47 15.99 -23.48 19.19
CA LEU A 47 15.26 -22.45 18.43
C LEU A 47 15.82 -22.25 17.02
N LYS A 48 17.14 -22.36 16.86
CA LYS A 48 17.75 -22.26 15.53
C LYS A 48 17.36 -23.38 14.54
N ASN A 49 16.75 -24.47 15.03
CA ASN A 49 16.10 -25.47 14.16
C ASN A 49 14.58 -25.28 13.98
N ASN A 50 14.01 -24.25 14.61
CA ASN A 50 12.58 -23.97 14.53
C ASN A 50 12.25 -23.24 13.23
N LEU A 51 11.07 -23.54 12.69
CA LEU A 51 10.60 -22.99 11.41
C LEU A 51 10.62 -21.45 11.36
N VAL A 52 10.22 -20.83 12.47
CA VAL A 52 10.12 -19.39 12.58
C VAL A 52 11.47 -18.74 12.90
N CYS A 53 12.16 -19.29 13.90
CA CYS A 53 13.31 -18.61 14.53
C CYS A 53 14.68 -18.75 13.84
N SER A 54 14.75 -19.46 12.71
CA SER A 54 16.04 -19.70 12.03
C SER A 54 16.69 -18.44 11.47
N THR A 55 15.87 -17.51 10.97
CA THR A 55 16.38 -16.23 10.44
C THR A 55 16.87 -15.23 11.52
N LEU A 56 16.53 -15.46 12.79
CA LEU A 56 16.80 -14.50 13.86
C LEU A 56 18.28 -14.49 14.28
N ASN A 57 18.80 -13.30 14.58
CA ASN A 57 20.19 -13.18 15.06
C ASN A 57 20.28 -13.51 16.56
N ASP A 58 21.51 -13.62 17.06
CA ASP A 58 21.78 -14.08 18.43
C ASP A 58 21.06 -13.27 19.52
N ASN A 59 21.05 -11.94 19.36
CA ASN A 59 20.42 -11.03 20.33
C ASN A 59 18.91 -11.24 20.45
N GLU A 60 18.26 -11.48 19.31
CA GLU A 60 16.82 -11.75 19.28
C GLU A 60 16.45 -13.09 19.93
N ILE A 61 17.23 -14.14 19.62
CA ILE A 61 17.01 -15.49 20.17
C ILE A 61 17.26 -15.54 21.70
N LEU A 62 18.23 -14.76 22.16
CA LEU A 62 18.51 -14.62 23.60
C LEU A 62 17.34 -13.95 24.35
N THR A 63 16.65 -13.01 23.69
CA THR A 63 15.47 -12.37 24.28
C THR A 63 14.33 -13.39 24.43
N LEU A 64 14.07 -14.13 23.34
CA LEU A 64 13.13 -15.26 23.34
C LEU A 64 13.43 -16.25 24.46
N SER A 65 14.69 -16.64 24.57
CA SER A 65 15.14 -17.63 25.55
C SER A 65 14.70 -17.27 26.98
N ASN A 66 14.92 -16.02 27.38
CA ASN A 66 14.57 -15.58 28.74
C ASN A 66 13.06 -15.56 29.05
N TYR A 67 12.23 -15.50 28.02
CA TYR A 67 10.77 -15.61 28.17
C TYR A 67 10.26 -17.06 28.27
N MET A 68 11.13 -18.04 28.02
CA MET A 68 10.78 -19.45 28.24
C MET A 68 10.57 -19.73 29.72
N GLN A 69 9.60 -20.60 30.01
CA GLN A 69 9.22 -20.97 31.37
C GLN A 69 9.54 -22.44 31.64
N PHE A 70 9.95 -22.72 32.87
CA PHE A 70 10.30 -24.08 33.31
C PHE A 70 9.02 -24.84 33.72
N PHE A 71 8.87 -26.07 33.24
CA PHE A 71 7.75 -26.93 33.61
C PHE A 71 8.26 -28.29 34.07
N VAL A 72 7.64 -28.81 35.13
CA VAL A 72 8.08 -30.05 35.80
C VAL A 72 6.91 -31.06 35.82
N PHE A 73 7.20 -32.29 35.38
CA PHE A 73 6.20 -33.35 35.25
C PHE A 73 6.68 -34.64 35.93
N LYS A 74 5.71 -35.45 36.39
CA LYS A 74 5.96 -36.82 36.86
C LYS A 74 5.64 -37.80 35.72
N GLY A 75 6.00 -39.08 35.91
CA GLY A 75 5.70 -40.12 34.93
C GLY A 75 4.21 -40.35 34.76
N GLY A 76 3.78 -40.68 33.55
CA GLY A 76 2.36 -40.89 33.23
C GLY A 76 1.47 -39.66 33.41
N ASP A 77 2.01 -38.47 33.17
CA ASP A 77 1.24 -37.22 33.23
C ASP A 77 0.98 -36.66 31.83
N LEU A 78 -0.17 -36.00 31.68
CA LEU A 78 -0.58 -35.43 30.40
C LEU A 78 0.13 -34.11 30.16
N VAL A 79 0.57 -33.91 28.91
CA VAL A 79 1.16 -32.65 28.47
C VAL A 79 0.20 -32.03 27.45
N ILE A 80 0.04 -32.69 26.31
CA ILE A 80 -0.79 -32.26 25.19
C ILE A 80 -1.72 -33.43 24.85
N LYS A 81 -2.94 -33.13 24.39
CA LYS A 81 -3.91 -34.14 23.97
C LYS A 81 -4.41 -33.86 22.54
N GLN A 82 -4.71 -34.92 21.80
CA GLN A 82 -5.21 -34.80 20.41
C GLN A 82 -6.56 -34.10 20.36
N GLY A 83 -6.73 -33.20 19.39
CA GLY A 83 -7.99 -32.49 19.19
C GLY A 83 -8.24 -31.29 20.11
N GLU A 84 -7.31 -31.01 21.04
CA GLU A 84 -7.38 -29.81 21.87
C GLU A 84 -6.84 -28.61 21.09
N LYS A 85 -7.19 -27.41 21.55
CA LYS A 85 -6.71 -26.17 20.96
C LYS A 85 -5.26 -25.94 21.36
N GLY A 86 -4.39 -25.67 20.36
CA GLY A 86 -2.94 -25.64 20.55
C GLY A 86 -2.40 -24.27 20.89
N SER A 87 -1.65 -24.16 21.99
CA SER A 87 -1.12 -22.89 22.51
C SER A 87 0.40 -22.88 22.78
N TYR A 88 0.96 -23.95 23.36
CA TYR A 88 2.38 -24.00 23.75
C TYR A 88 3.29 -24.68 22.73
N PHE A 89 4.57 -24.28 22.77
CA PHE A 89 5.67 -24.95 22.11
C PHE A 89 6.63 -25.43 23.22
N PHE A 90 7.26 -26.57 23.01
CA PHE A 90 8.01 -27.26 24.07
C PHE A 90 9.37 -27.78 23.63
N ILE A 91 10.36 -27.55 24.50
CA ILE A 91 11.69 -28.11 24.35
C ILE A 91 11.89 -28.99 25.56
N ILE A 92 12.22 -30.25 25.32
CA ILE A 92 12.44 -31.23 26.40
C ILE A 92 13.83 -31.00 27.00
N ASN A 93 13.87 -30.79 28.32
CA ASN A 93 15.13 -30.51 29.05
C ASN A 93 15.74 -31.76 29.70
N SER A 94 14.89 -32.60 30.29
CA SER A 94 15.31 -33.90 30.85
C SER A 94 14.20 -34.95 30.73
N GLY A 95 14.58 -36.22 30.88
CA GLY A 95 13.64 -37.34 30.82
C GLY A 95 13.20 -37.70 29.42
N LYS A 96 12.24 -38.62 29.33
CA LYS A 96 11.71 -39.13 28.06
C LYS A 96 10.22 -38.82 27.94
N PHE A 97 9.77 -38.58 26.71
CA PHE A 97 8.38 -38.20 26.39
C PHE A 97 7.86 -38.97 25.17
N ASP A 98 6.73 -39.68 25.35
CA ASP A 98 6.18 -40.59 24.34
C ASP A 98 4.99 -39.97 23.59
N VAL A 99 4.93 -40.22 22.27
CA VAL A 99 3.98 -39.57 21.36
C VAL A 99 2.92 -40.56 20.85
N TYR A 100 1.66 -40.36 21.28
CA TYR A 100 0.52 -41.18 20.90
C TYR A 100 -0.29 -40.52 19.77
N VAL A 101 -0.31 -41.14 18.58
CA VAL A 101 -1.18 -40.71 17.46
C VAL A 101 -2.27 -41.77 17.23
N ASN A 102 -3.51 -41.32 17.13
CA ASN A 102 -4.72 -42.17 17.19
C ASN A 102 -4.77 -43.07 18.45
N ASP A 103 -4.26 -42.52 19.56
CA ASP A 103 -4.10 -43.22 20.84
C ASP A 103 -3.17 -44.47 20.78
N LYS A 104 -2.27 -44.51 19.80
CA LYS A 104 -1.37 -45.64 19.56
C LYS A 104 0.08 -45.17 19.38
N LYS A 105 0.96 -45.54 20.31
CA LYS A 105 2.34 -44.99 20.42
C LYS A 105 3.14 -45.01 19.12
N VAL A 106 3.89 -43.92 18.87
CA VAL A 106 4.68 -43.75 17.64
C VAL A 106 6.15 -43.48 17.97
N LYS A 107 6.43 -42.32 18.54
CA LYS A 107 7.80 -41.83 18.72
C LYS A 107 8.23 -41.79 20.20
N SER A 108 9.51 -41.48 20.41
CA SER A 108 10.09 -41.30 21.74
C SER A 108 11.09 -40.13 21.69
N MET A 109 10.92 -39.15 22.58
CA MET A 109 11.71 -37.91 22.56
C MET A 109 12.33 -37.63 23.92
N GLY A 110 13.57 -37.11 23.90
CA GLY A 110 14.27 -36.67 25.11
C GLY A 110 14.96 -35.32 24.93
N LYS A 111 16.03 -35.10 25.69
CA LYS A 111 16.75 -33.81 25.74
C LYS A 111 17.18 -33.29 24.35
N GLY A 112 16.83 -32.04 24.05
CA GLY A 112 17.12 -31.42 22.75
C GLY A 112 15.95 -31.42 21.78
N SER A 113 15.09 -32.44 21.87
CA SER A 113 13.92 -32.59 20.99
C SER A 113 12.84 -31.52 21.23
N SER A 114 12.02 -31.26 20.21
CA SER A 114 10.98 -30.21 20.26
C SER A 114 9.61 -30.73 19.80
N PHE A 115 8.54 -30.13 20.32
CA PHE A 115 7.19 -30.43 19.82
C PHE A 115 6.16 -29.32 20.01
N GLY A 116 5.11 -29.37 19.19
CA GLY A 116 4.07 -28.35 19.18
C GLY A 116 4.46 -27.03 18.53
N GLU A 117 5.33 -27.07 17.51
CA GLU A 117 5.77 -25.85 16.83
C GLU A 117 4.64 -25.15 16.05
N ALA A 118 3.62 -25.91 15.62
CA ALA A 118 2.46 -25.33 14.93
C ALA A 118 1.67 -24.35 15.79
N ALA A 119 1.65 -24.57 17.11
CA ALA A 119 0.91 -23.68 18.02
C ALA A 119 1.42 -22.24 18.02
N LEU A 120 2.70 -22.06 17.72
CA LEU A 120 3.30 -20.74 17.64
C LEU A 120 2.72 -19.96 16.45
N ILE A 121 2.71 -20.59 15.28
CA ILE A 121 2.16 -19.98 14.08
C ILE A 121 0.70 -19.55 14.29
N HIS A 122 -0.16 -20.50 14.66
CA HIS A 122 -1.61 -20.25 14.77
C HIS A 122 -2.32 -21.24 15.73
N ASN A 123 -3.41 -20.78 16.37
CA ASN A 123 -4.31 -21.64 17.14
C ASN A 123 -4.76 -22.78 16.23
N THR A 124 -4.33 -23.99 16.57
CA THR A 124 -4.49 -25.14 15.69
C THR A 124 -4.78 -26.40 16.51
N GLN A 125 -5.53 -27.32 15.89
CA GLN A 125 -5.92 -28.57 16.54
C GLN A 125 -4.71 -29.50 16.58
N ARG A 126 -4.46 -30.09 17.74
CA ARG A 126 -3.28 -30.93 17.94
C ARG A 126 -3.34 -32.22 17.12
N SER A 127 -2.17 -32.78 16.83
CA SER A 127 -2.04 -34.01 16.05
C SER A 127 -1.86 -35.26 16.91
N ALA A 128 -0.97 -35.16 17.90
CA ALA A 128 -0.63 -36.26 18.80
C ALA A 128 -0.97 -35.92 20.26
N THR A 129 -0.71 -36.89 21.14
CA THR A 129 -0.82 -36.71 22.58
C THR A 129 0.55 -37.02 23.14
N ILE A 130 1.29 -35.99 23.52
CA ILE A 130 2.60 -36.18 24.12
C ILE A 130 2.37 -36.53 25.59
N MET A 131 3.07 -37.57 26.05
CA MET A 131 2.95 -38.09 27.41
C MET A 131 4.32 -38.24 28.04
N ALA A 132 4.39 -38.00 29.35
CA ALA A 132 5.65 -38.08 30.11
C ALA A 132 5.89 -39.51 30.64
N GLU A 133 7.00 -40.12 30.23
CA GLU A 133 7.35 -41.46 30.69
C GLU A 133 8.01 -41.40 32.07
N THR A 134 9.14 -40.69 32.15
CA THR A 134 9.92 -40.55 33.39
C THR A 134 9.56 -39.24 34.10
N ASP A 135 10.30 -38.88 35.15
CA ASP A 135 10.14 -37.58 35.83
C ASP A 135 10.86 -36.46 35.06
N GLY A 136 10.39 -36.18 33.84
CA GLY A 136 11.06 -35.25 32.92
C GLY A 136 10.51 -33.83 32.94
N THR A 137 11.30 -32.90 32.40
CA THR A 137 10.99 -31.47 32.44
C THR A 137 10.98 -30.83 31.04
N LEU A 138 10.20 -29.75 30.92
CA LEU A 138 10.03 -29.03 29.65
C LEU A 138 10.26 -27.53 29.82
N TRP A 139 11.05 -26.95 28.93
CA TRP A 139 11.06 -25.50 28.74
C TRP A 139 9.93 -25.15 27.75
N GLY A 140 9.04 -24.23 28.14
CA GLY A 140 7.91 -23.83 27.29
C GLY A 140 7.52 -22.36 27.20
N VAL A 141 6.85 -22.01 26.10
CA VAL A 141 6.36 -20.66 25.82
C VAL A 141 5.04 -20.72 25.03
N GLN A 142 4.08 -19.86 25.39
CA GLN A 142 2.81 -19.76 24.64
C GLN A 142 2.92 -18.99 23.33
N ARG A 143 1.88 -19.07 22.50
CA ARG A 143 1.78 -18.27 21.27
C ARG A 143 1.77 -16.76 21.56
N SER A 144 0.83 -16.34 22.42
CA SER A 144 0.65 -14.91 22.74
C SER A 144 1.99 -14.28 23.08
N THR A 145 2.67 -14.88 24.05
CA THR A 145 3.96 -14.40 24.50
C THR A 145 5.01 -14.41 23.38
N PHE A 146 5.05 -15.51 22.63
CA PHE A 146 5.97 -15.64 21.50
C PHE A 146 5.74 -14.58 20.39
N ARG A 147 4.49 -14.35 20.01
CA ARG A 147 4.15 -13.38 18.95
C ARG A 147 4.37 -11.93 19.41
N ALA A 148 3.98 -11.65 20.66
CA ALA A 148 4.16 -10.35 21.29
C ALA A 148 5.64 -9.98 21.38
N THR A 149 6.45 -10.95 21.76
CA THR A 149 7.89 -10.75 21.87
C THR A 149 8.51 -10.44 20.51
N LEU A 150 8.07 -11.12 19.45
CA LEU A 150 8.60 -10.86 18.09
C LEU A 150 8.12 -9.51 17.57
N LYS A 151 6.91 -9.10 17.98
CA LYS A 151 6.38 -7.80 17.63
C LYS A 151 7.27 -6.71 18.22
N GLN A 152 7.47 -6.73 19.54
CA GLN A 152 8.27 -5.71 20.21
C GLN A 152 9.72 -5.64 19.75
N LEU A 153 10.38 -6.76 19.53
CA LEU A 153 11.75 -6.72 19.05
C LEU A 153 11.85 -6.01 17.69
N SER A 154 11.02 -6.39 16.73
CA SER A 154 11.11 -5.83 15.37
C SER A 154 10.61 -4.38 15.29
N ASN A 155 9.65 -4.06 16.16
CA ASN A 155 9.01 -2.77 16.21
C ASN A 155 9.93 -1.71 16.84
N ARG A 156 10.53 -2.04 17.98
CA ARG A 156 11.54 -1.19 18.60
C ARG A 156 12.76 -1.01 17.71
N ASN A 157 13.19 -2.09 17.08
CA ASN A 157 14.27 -2.03 16.10
C ASN A 157 13.95 -1.00 15.01
N PHE A 158 12.72 -1.07 14.48
CA PHE A 158 12.29 -0.18 13.42
C PHE A 158 12.24 1.30 13.88
N ASN A 159 11.60 1.54 15.03
CA ASN A 159 11.45 2.91 15.55
C ASN A 159 12.78 3.59 15.90
N GLU A 160 13.64 2.85 16.58
CA GLU A 160 14.98 3.31 16.88
C GLU A 160 15.75 3.64 15.60
N ASN A 161 15.76 2.73 14.64
CA ASN A 161 16.41 3.01 13.34
C ASN A 161 15.82 4.21 12.61
N ARG A 162 14.51 4.46 12.76
CA ARG A 162 13.86 5.61 12.13
C ARG A 162 14.35 6.93 12.77
N SER A 163 14.41 6.97 14.11
CA SER A 163 14.97 8.14 14.82
C SER A 163 16.38 8.46 14.38
N PHE A 164 17.20 7.42 14.24
CA PHE A 164 18.54 7.60 13.70
C PHE A 164 18.56 8.08 12.24
N ILE A 165 17.63 7.60 11.43
CA ILE A 165 17.44 8.14 10.09
C ILE A 165 17.10 9.64 10.18
N ASP A 166 16.20 10.00 11.11
CA ASP A 166 15.74 11.38 11.32
C ASP A 166 16.86 12.35 11.79
N SER A 167 17.88 11.82 12.45
CA SER A 167 19.02 12.61 12.89
C SER A 167 20.25 12.49 11.98
N VAL A 168 20.10 11.95 10.77
CA VAL A 168 21.20 12.01 9.79
C VAL A 168 20.85 13.06 8.73
N SER A 169 21.61 14.15 8.71
N SER A 169 21.61 14.14 8.71
CA SER A 169 21.32 15.35 7.92
CA SER A 169 21.33 15.34 7.93
C SER A 169 21.06 15.08 6.44
C SER A 169 21.09 15.10 6.44
N VAL A 170 21.82 14.17 5.84
CA VAL A 170 21.67 13.84 4.42
C VAL A 170 20.27 13.28 4.06
N PHE A 171 19.56 12.70 5.03
CA PHE A 171 18.17 12.25 4.84
C PHE A 171 17.09 13.29 5.15
N ASP A 172 17.47 14.51 5.55
CA ASP A 172 16.50 15.56 5.95
C ASP A 172 15.44 15.87 4.89
N MET A 173 15.81 15.81 3.62
CA MET A 173 14.86 16.16 2.54
C MET A 173 14.15 14.99 1.89
N LEU A 174 14.23 13.80 2.51
CA LEU A 174 13.40 12.68 2.09
C LEU A 174 12.01 12.88 2.64
N THR A 175 11.00 12.44 1.87
CA THR A 175 9.62 12.42 2.33
C THR A 175 9.43 11.39 3.44
N GLU A 176 8.26 11.46 4.07
CA GLU A 176 7.85 10.51 5.09
C GLU A 176 7.95 9.05 4.61
N ALA A 177 7.27 8.78 3.50
CA ALA A 177 7.25 7.47 2.87
C ALA A 177 8.65 7.02 2.52
N GLN A 178 9.50 7.92 2.01
CA GLN A 178 10.86 7.53 1.63
C GLN A 178 11.72 7.15 2.83
N LYS A 179 11.53 7.83 3.96
CA LYS A 179 12.31 7.54 5.16
C LYS A 179 11.90 6.18 5.74
N ASN A 180 10.59 5.94 5.75
CA ASN A 180 10.08 4.65 6.17
C ASN A 180 10.63 3.50 5.34
N MET A 181 10.87 3.72 4.04
CA MET A 181 11.36 2.64 3.18
C MET A 181 12.82 2.31 3.43
N ILE A 182 13.68 3.29 3.64
CA ILE A 182 15.08 3.02 3.94
C ILE A 182 15.34 2.58 5.37
N THR A 183 14.40 2.87 6.28
CA THR A 183 14.49 2.34 7.64
C THR A 183 14.55 0.81 7.58
N ASN A 184 13.76 0.22 6.69
CA ASN A 184 13.80 -1.22 6.45
C ASN A 184 15.09 -1.78 5.86
N ALA A 185 15.88 -0.94 5.20
CA ALA A 185 17.20 -1.31 4.68
C ALA A 185 18.31 -1.27 5.71
N CYS A 186 18.00 -0.90 6.97
CA CYS A 186 19.04 -0.84 8.01
C CYS A 186 19.40 -2.24 8.47
N VAL A 187 20.71 -2.51 8.48
CA VAL A 187 21.28 -3.78 8.90
C VAL A 187 22.03 -3.46 10.20
N ILE A 188 21.80 -4.25 11.25
CA ILE A 188 22.49 -4.06 12.54
C ILE A 188 23.77 -4.87 12.51
N GLN A 189 24.83 -4.25 13.00
CA GLN A 189 26.18 -4.76 12.80
C GLN A 189 26.98 -4.66 14.10
N MET A 190 27.30 -5.81 14.69
CA MET A 190 28.00 -5.87 15.97
C MET A 190 29.51 -5.69 15.83
N PHE A 191 30.10 -5.03 16.83
CA PHE A 191 31.53 -4.82 16.88
C PHE A 191 32.04 -5.03 18.31
N LYS A 192 33.12 -5.81 18.43
CA LYS A 192 33.83 -6.03 19.70
C LYS A 192 34.89 -4.95 19.86
N PRO A 193 35.52 -4.86 21.06
CA PRO A 193 36.70 -4.00 21.25
C PRO A 193 37.86 -4.35 20.31
N GLY A 194 38.47 -3.33 19.70
CA GLY A 194 39.59 -3.52 18.79
C GLY A 194 39.23 -3.64 17.32
N GLU A 195 38.06 -4.24 17.02
CA GLU A 195 37.52 -4.30 15.65
C GLU A 195 37.43 -2.91 15.05
N THR A 196 38.03 -2.72 13.88
CA THR A 196 37.95 -1.46 13.17
C THR A 196 36.62 -1.50 12.40
N ILE A 197 35.81 -0.47 12.60
CA ILE A 197 34.49 -0.33 11.96
C ILE A 197 34.66 0.19 10.52
N VAL A 198 35.47 1.23 10.36
CA VAL A 198 35.97 1.64 9.04
C VAL A 198 37.46 1.99 9.13
N LYS A 199 38.18 1.81 8.03
CA LYS A 199 39.63 2.03 7.94
C LYS A 199 39.96 3.21 7.05
N GLN A 200 40.95 4.01 7.44
CA GLN A 200 41.31 5.21 6.65
C GLN A 200 41.78 4.80 5.25
N GLY A 201 41.23 5.45 4.22
CA GLY A 201 41.59 5.19 2.81
C GLY A 201 40.74 4.18 2.06
N ASP A 202 39.95 3.37 2.79
CA ASP A 202 38.95 2.48 2.18
C ASP A 202 37.89 3.24 1.41
N TYR A 203 37.56 2.78 0.21
CA TYR A 203 36.46 3.38 -0.57
C TYR A 203 35.14 2.71 -0.16
N GLY A 204 34.68 3.03 1.05
CA GLY A 204 33.52 2.39 1.66
C GLY A 204 32.25 3.05 1.18
N ASP A 205 31.14 2.31 1.23
CA ASP A 205 29.84 2.75 0.77
C ASP A 205 28.73 2.56 1.81
N VAL A 206 29.10 2.60 3.08
CA VAL A 206 28.19 2.29 4.17
C VAL A 206 28.19 3.42 5.18
N LEU A 207 26.99 3.84 5.58
CA LEU A 207 26.80 4.80 6.67
C LEU A 207 26.60 4.00 7.94
N PHE A 208 27.27 4.41 9.03
CA PHE A 208 27.12 3.77 10.36
C PHE A 208 26.54 4.73 11.39
N ILE A 209 25.67 4.22 12.25
CA ILE A 209 25.11 4.97 13.38
C ILE A 209 25.27 4.16 14.68
N LEU A 210 25.95 4.72 15.69
CA LEU A 210 26.07 4.04 16.99
C LEU A 210 24.75 4.05 17.76
N LYS A 211 24.23 2.86 18.05
CA LYS A 211 23.06 2.72 18.95
C LYS A 211 23.48 2.86 20.41
N GLU A 212 24.30 1.94 20.90
CA GLU A 212 24.92 2.02 22.23
C GLU A 212 26.40 1.63 22.12
N GLY A 213 27.27 2.33 22.87
CA GLY A 213 28.71 2.04 22.91
C GLY A 213 29.62 3.22 22.60
N LYS A 214 30.91 2.91 22.41
CA LYS A 214 31.97 3.92 22.18
C LYS A 214 32.93 3.45 21.08
N ALA A 215 33.60 4.42 20.45
CA ALA A 215 34.57 4.14 19.39
C ALA A 215 35.55 5.29 19.17
N THR A 216 36.83 4.95 19.00
CA THR A 216 37.92 5.93 18.86
C THR A 216 38.18 6.26 17.40
N VAL A 217 38.35 7.55 17.10
CA VAL A 217 38.66 8.02 15.73
C VAL A 217 40.15 8.31 15.60
N PHE A 218 40.78 7.79 14.54
CA PHE A 218 42.20 8.01 14.22
C PHE A 218 42.33 8.66 12.83
N ILE A 219 43.18 9.68 12.71
CA ILE A 219 43.63 10.18 11.40
C ILE A 219 45.16 10.03 11.35
N ASN A 220 45.64 9.34 10.31
CA ASN A 220 47.06 8.96 10.16
C ASN A 220 47.63 8.35 11.42
N ASP A 221 46.96 7.33 11.94
CA ASP A 221 47.39 6.62 13.16
C ASP A 221 47.46 7.45 14.46
N LYS A 222 46.87 8.65 14.47
CA LYS A 222 46.92 9.56 15.61
C LYS A 222 45.50 9.78 16.11
N GLU A 223 45.23 9.42 17.37
CA GLU A 223 43.89 9.59 17.97
C GLU A 223 43.39 11.04 17.94
N ILE A 224 42.10 11.20 17.64
CA ILE A 224 41.47 12.50 17.37
C ILE A 224 40.34 12.82 18.35
N ARG A 225 39.44 11.86 18.54
CA ARG A 225 38.39 11.96 19.55
C ARG A 225 37.76 10.58 19.76
N VAL A 226 36.79 10.52 20.67
CA VAL A 226 35.95 9.33 20.87
C VAL A 226 34.51 9.65 20.43
N LEU A 227 33.78 8.63 19.95
CA LEU A 227 32.39 8.78 19.49
C LEU A 227 31.43 8.11 20.47
N ASN A 228 30.30 8.78 20.75
CA ASN A 228 29.30 8.31 21.71
C ASN A 228 27.95 7.99 21.05
N LYS A 229 27.08 7.29 21.80
CA LYS A 229 25.79 6.80 21.29
C LYS A 229 24.95 7.90 20.62
N GLY A 230 24.67 7.71 19.32
CA GLY A 230 24.00 8.73 18.51
C GLY A 230 24.89 9.26 17.41
N SER A 231 26.20 9.20 17.62
CA SER A 231 27.15 9.67 16.62
C SER A 231 27.12 8.79 15.37
N TYR A 232 27.42 9.40 14.23
CA TYR A 232 27.35 8.70 12.95
C TYR A 232 28.37 9.20 11.95
N PHE A 233 28.58 8.40 10.90
CA PHE A 233 29.61 8.67 9.91
C PHE A 233 29.42 7.84 8.66
N GLY A 234 29.73 8.44 7.51
CA GLY A 234 29.56 7.81 6.20
C GLY A 234 28.45 8.38 5.31
N GLU A 235 27.84 9.51 5.71
CA GLU A 235 26.87 10.24 4.89
C GLU A 235 27.32 10.41 3.46
N ARG A 236 28.53 10.93 3.31
CA ARG A 236 29.08 11.23 1.99
C ARG A 236 29.35 9.95 1.18
N ALA A 237 29.64 8.84 1.86
CA ALA A 237 29.80 7.53 1.21
C ALA A 237 28.54 7.02 0.48
N LEU A 238 27.36 7.49 0.87
CA LEU A 238 26.11 7.13 0.19
C LEU A 238 25.90 7.93 -1.10
N LEU A 239 26.51 9.09 -1.19
CA LEU A 239 26.35 9.98 -2.35
C LEU A 239 27.50 9.83 -3.37
N TYR A 240 28.73 9.68 -2.86
CA TYR A 240 29.96 9.69 -3.66
C TYR A 240 30.97 8.59 -3.29
N ASP A 241 31.85 8.31 -4.24
CA ASP A 241 33.01 7.45 -4.06
C ASP A 241 34.18 8.19 -3.46
N GLU A 242 34.26 8.14 -2.14
CA GLU A 242 35.30 8.83 -1.41
C GLU A 242 36.00 7.94 -0.42
N PRO A 243 37.33 8.08 -0.28
CA PRO A 243 37.99 7.28 0.74
C PRO A 243 37.54 7.74 2.13
N ARG A 244 37.55 6.84 3.11
CA ARG A 244 37.23 7.21 4.48
C ARG A 244 38.29 8.22 4.96
N SER A 245 37.84 9.26 5.66
CA SER A 245 38.73 10.28 6.19
C SER A 245 39.43 9.86 7.49
N ALA A 246 39.07 8.70 8.03
CA ALA A 246 39.57 8.24 9.33
C ALA A 246 39.49 6.72 9.50
N THR A 247 40.19 6.24 10.52
CA THR A 247 40.08 4.89 11.02
C THR A 247 39.32 5.02 12.34
N ILE A 248 38.07 4.53 12.37
CA ILE A 248 37.28 4.47 13.62
C ILE A 248 37.34 3.05 14.16
N ILE A 249 37.76 2.90 15.43
CA ILE A 249 37.89 1.59 16.11
C ILE A 249 37.05 1.54 17.38
N ALA A 250 36.28 0.46 17.56
CA ALA A 250 35.43 0.30 18.76
C ALA A 250 36.23 0.08 20.07
N LYS A 251 35.89 0.86 21.10
CA LYS A 251 36.53 0.79 22.42
C LYS A 251 35.92 -0.30 23.28
N GLU A 252 34.60 -0.21 23.45
CA GLU A 252 33.84 -1.13 24.29
C GLU A 252 32.91 -1.94 23.38
N PRO A 253 32.19 -2.94 23.94
CA PRO A 253 31.14 -3.61 23.16
C PRO A 253 30.11 -2.58 22.67
N THR A 254 29.82 -2.61 21.36
CA THR A 254 29.07 -1.53 20.72
C THR A 254 28.27 -1.99 19.49
N ALA A 255 27.12 -1.33 19.26
CA ALA A 255 26.14 -1.74 18.27
C ALA A 255 25.84 -0.62 17.28
N CYS A 256 25.95 -0.94 15.99
CA CYS A 256 25.71 0.04 14.93
C CYS A 256 24.51 -0.34 14.05
N ALA A 257 23.65 0.65 13.78
CA ALA A 257 22.65 0.57 12.71
C ALA A 257 23.35 1.03 11.45
N SER A 258 23.20 0.31 10.34
CA SER A 258 23.98 0.64 9.14
C SER A 258 23.20 0.59 7.82
N ILE A 259 23.45 1.57 6.95
CA ILE A 259 22.88 1.57 5.58
C ILE A 259 23.94 1.60 4.50
N CYS A 260 23.76 0.74 3.51
CA CYS A 260 24.68 0.54 2.43
C CYS A 260 24.09 1.18 1.20
N ARG A 261 24.95 1.62 0.30
CA ARG A 261 24.53 2.34 -0.90
C ARG A 261 23.85 1.41 -1.89
N LYS A 262 24.33 0.18 -2.00
CA LYS A 262 23.71 -0.82 -2.90
C LYS A 262 22.23 -1.08 -2.56
N LEU A 263 21.93 -1.28 -1.27
CA LEU A 263 20.53 -1.49 -0.89
C LEU A 263 19.68 -0.21 -1.07
N LEU A 264 20.26 0.92 -0.68
CA LEU A 264 19.63 2.22 -0.89
C LEU A 264 19.23 2.41 -2.35
N ASN A 265 20.18 2.18 -3.24
CA ASN A 265 19.94 2.30 -4.66
C ASN A 265 18.84 1.36 -5.22
N ILE A 266 18.72 0.16 -4.66
CA ILE A 266 17.62 -0.74 -4.99
C ILE A 266 16.31 -0.19 -4.42
N VAL A 267 16.30 0.12 -3.12
CA VAL A 267 15.06 0.56 -2.45
C VAL A 267 14.55 1.93 -2.97
N LEU A 268 15.49 2.84 -3.16
CA LEU A 268 15.18 4.27 -3.28
C LEU A 268 15.50 4.84 -4.65
N GLY A 269 16.46 4.25 -5.35
CA GLY A 269 17.06 4.90 -6.51
C GLY A 269 18.22 5.76 -6.04
N ASN A 270 18.78 6.52 -6.97
CA ASN A 270 19.95 7.34 -6.71
C ASN A 270 19.58 8.40 -5.70
N LEU A 271 20.27 8.44 -4.56
CA LEU A 271 19.85 9.32 -3.46
C LEU A 271 19.89 10.84 -3.83
N GLN A 272 20.94 11.25 -4.54
CA GLN A 272 21.05 12.61 -5.06
C GLN A 272 19.81 12.91 -5.92
N VAL A 273 19.52 12.04 -6.88
CA VAL A 273 18.39 12.28 -7.78
C VAL A 273 17.08 12.43 -6.99
N VAL A 274 16.86 11.57 -6.01
CA VAL A 274 15.62 11.58 -5.21
C VAL A 274 15.52 12.86 -4.34
N LEU A 275 16.63 13.24 -3.71
CA LEU A 275 16.66 14.45 -2.85
C LEU A 275 16.32 15.71 -3.65
N PHE A 276 17.02 15.87 -4.77
CA PHE A 276 16.82 16.97 -5.65
C PHE A 276 15.39 17.04 -6.15
N ARG A 277 14.82 15.93 -6.61
CA ARG A 277 13.40 15.96 -6.95
C ARG A 277 12.51 16.44 -5.82
N ASN A 278 12.77 16.02 -4.58
CA ASN A 278 11.95 16.51 -3.45
C ASN A 278 12.07 18.06 -3.31
N ILE A 279 13.30 18.56 -3.41
CA ILE A 279 13.61 19.97 -3.25
C ILE A 279 12.91 20.76 -4.39
N MET A 280 13.16 20.36 -5.63
CA MET A 280 12.54 20.98 -6.78
C MET A 280 11.01 20.95 -6.73
N THR A 281 10.45 19.79 -6.38
CA THR A 281 8.98 19.62 -6.31
C THR A 281 8.40 20.55 -5.23
N GLU A 282 9.07 20.69 -4.11
CA GLU A 282 8.59 21.61 -3.07
C GLU A 282 8.58 23.09 -3.60
N ALA A 283 9.63 23.46 -4.30
CA ALA A 283 9.80 24.79 -4.85
C ALA A 283 8.76 25.03 -5.92
N LEU A 284 8.75 24.18 -6.93
CA LEU A 284 7.84 24.33 -8.07
C LEU A 284 6.36 24.41 -7.66
N GLN A 285 5.99 23.68 -6.61
CA GLN A 285 4.61 23.71 -6.13
C GLN A 285 4.17 24.97 -5.37
N GLN A 286 5.05 25.95 -5.17
CA GLN A 286 4.64 27.27 -4.65
C GLN A 286 3.95 28.10 -5.72
N SER A 287 4.29 27.84 -6.98
CA SER A 287 3.56 28.35 -8.13
C SER A 287 2.23 27.63 -8.40
N GLU A 288 1.17 28.39 -8.65
CA GLU A 288 -0.14 27.82 -9.05
C GLU A 288 -0.09 27.11 -10.39
N ILE A 289 0.87 27.46 -11.24
CA ILE A 289 1.04 26.75 -12.50
C ILE A 289 1.52 25.32 -12.26
N PHE A 290 2.69 25.16 -11.65
CA PHE A 290 3.31 23.84 -11.53
C PHE A 290 2.62 22.93 -10.55
N ARG A 291 1.84 23.50 -9.64
CA ARG A 291 0.98 22.72 -8.76
C ARG A 291 -0.07 21.92 -9.52
N GLN A 292 -0.35 22.27 -10.78
CA GLN A 292 -1.23 21.48 -11.63
C GLN A 292 -0.48 20.43 -12.49
N PHE A 293 0.82 20.30 -12.32
CA PHE A 293 1.63 19.33 -13.04
C PHE A 293 1.59 18.02 -12.25
N SER A 294 1.84 16.92 -12.96
CA SER A 294 1.92 15.59 -12.34
C SER A 294 3.28 15.44 -11.70
N ALA A 295 3.37 14.54 -10.74
CA ALA A 295 4.62 14.27 -10.06
C ALA A 295 5.73 13.90 -11.06
N GLU A 296 5.40 13.10 -12.08
CA GLU A 296 6.34 12.73 -13.14
C GLU A 296 6.89 13.94 -13.92
N GLN A 297 6.00 14.87 -14.25
CA GLN A 297 6.38 16.13 -14.91
C GLN A 297 7.34 16.97 -14.07
N LEU A 298 7.00 17.15 -12.80
CA LEU A 298 7.86 17.84 -11.89
C LEU A 298 9.21 17.16 -11.68
N ASN A 299 9.21 15.82 -11.54
CA ASN A 299 10.46 15.07 -11.42
C ASN A 299 11.33 15.23 -12.65
N ASP A 300 10.74 15.24 -13.85
N ASP A 300 10.72 15.22 -13.83
CA ASP A 300 11.52 15.47 -15.07
CA ASP A 300 11.47 15.46 -15.06
C ASP A 300 12.10 16.89 -15.10
C ASP A 300 12.07 16.88 -15.12
N LEU A 301 11.35 17.87 -14.61
CA LEU A 301 11.88 19.27 -14.50
C LEU A 301 13.09 19.27 -13.57
N ALA A 302 12.97 18.55 -12.45
CA ALA A 302 14.08 18.40 -11.51
C ALA A 302 15.28 17.69 -12.09
N ASP A 303 15.06 16.61 -12.82
CA ASP A 303 16.16 15.85 -13.46
C ASP A 303 16.91 16.64 -14.54
N THR A 304 16.24 17.58 -15.21
CA THR A 304 16.82 18.28 -16.38
C THR A 304 17.17 19.77 -16.15
N ALA A 305 16.83 20.31 -14.97
CA ALA A 305 17.10 21.68 -14.62
C ALA A 305 18.57 21.96 -14.68
N ILE A 306 18.94 23.08 -15.25
CA ILE A 306 20.32 23.56 -15.20
C ILE A 306 20.59 24.23 -13.85
N VAL A 307 21.62 23.77 -13.14
CA VAL A 307 21.98 24.21 -11.80
C VAL A 307 23.33 24.91 -11.93
N ARG A 308 23.45 26.12 -11.36
CA ARG A 308 24.63 26.99 -11.52
C ARG A 308 24.92 27.68 -10.21
N ASP A 309 26.21 27.86 -9.92
CA ASP A 309 26.65 28.58 -8.73
C ASP A 309 27.10 29.92 -9.20
N TYR A 310 26.69 30.98 -8.52
CA TYR A 310 27.08 32.35 -8.90
C TYR A 310 27.77 33.07 -7.76
N PRO A 311 28.78 33.88 -8.10
CA PRO A 311 29.31 34.87 -7.15
C PRO A 311 28.29 35.92 -6.79
N ALA A 312 28.58 36.66 -5.73
CA ALA A 312 27.79 37.85 -5.38
C ALA A 312 27.84 38.91 -6.47
N ASN A 313 26.78 39.71 -6.51
CA ASN A 313 26.63 40.83 -7.44
C ASN A 313 26.77 40.41 -8.88
N TYR A 314 26.09 39.34 -9.21
CA TYR A 314 26.12 38.83 -10.54
C TYR A 314 24.72 38.93 -11.13
N HIS A 315 24.68 39.26 -12.41
CA HIS A 315 23.44 39.38 -13.16
C HIS A 315 23.19 38.06 -13.82
N ILE A 316 22.37 37.26 -13.17
CA ILE A 316 22.03 35.91 -13.61
C ILE A 316 21.14 36.00 -14.85
N LEU A 317 20.12 36.84 -14.77
CA LEU A 317 19.28 37.19 -15.92
C LEU A 317 19.31 38.70 -16.16
N HIS A 318 19.26 39.07 -17.45
CA HIS A 318 19.25 40.43 -17.93
C HIS A 318 18.57 40.52 -19.32
N LYS A 319 17.41 41.19 -19.35
CA LYS A 319 16.53 41.29 -20.54
C LYS A 319 17.26 41.49 -21.89
N LYS A 323 19.40 33.75 -22.15
CA LYS A 323 19.07 32.64 -23.05
C LYS A 323 17.52 32.52 -23.20
N SER A 324 16.93 31.38 -22.82
CA SER A 324 15.49 31.18 -22.82
C SER A 324 14.96 30.69 -21.45
N VAL A 325 15.53 31.23 -20.38
CA VAL A 325 15.09 30.92 -19.05
C VAL A 325 13.65 31.41 -18.81
N LYS A 326 12.80 30.49 -18.42
CA LYS A 326 11.43 30.76 -18.06
C LYS A 326 11.18 30.72 -16.57
N TYR A 327 11.99 29.99 -15.83
CA TYR A 327 11.73 29.86 -14.39
C TYR A 327 13.04 29.70 -13.66
N LEU A 328 13.07 30.18 -12.43
CA LEU A 328 14.29 30.26 -11.68
C LEU A 328 14.01 29.90 -10.23
N ILE A 329 14.85 29.03 -9.66
CA ILE A 329 14.68 28.60 -8.28
C ILE A 329 15.97 28.81 -7.52
N VAL A 330 15.86 29.45 -6.38
CA VAL A 330 17.00 29.65 -5.51
C VAL A 330 17.22 28.41 -4.63
N LEU A 331 18.32 27.72 -4.85
CA LEU A 331 18.72 26.57 -4.03
C LEU A 331 19.50 27.03 -2.83
N GLU A 332 20.41 27.99 -3.05
CA GLU A 332 21.24 28.53 -1.97
C GLU A 332 21.42 30.03 -2.13
N GLY A 333 21.43 30.73 -1.02
CA GLY A 333 21.75 32.15 -1.02
C GLY A 333 20.51 32.98 -1.26
N LYS A 334 20.72 34.10 -1.93
CA LYS A 334 19.73 35.15 -2.11
C LYS A 334 19.98 35.94 -3.39
N VAL A 335 18.89 36.28 -4.06
CA VAL A 335 18.92 37.13 -5.24
C VAL A 335 17.82 38.17 -5.09
N GLU A 336 18.00 39.24 -5.84
CA GLU A 336 17.09 40.36 -5.86
C GLU A 336 16.54 40.47 -7.27
N LEU A 337 15.23 40.63 -7.34
CA LEU A 337 14.54 40.84 -8.60
C LEU A 337 14.29 42.34 -8.84
N PHE A 338 14.38 42.71 -10.12
CA PHE A 338 14.27 44.06 -10.59
C PHE A 338 13.40 44.10 -11.83
N LEU A 339 12.43 45.01 -11.87
CA LEU A 339 11.79 45.40 -13.12
C LEU A 339 12.39 46.77 -13.48
N ASP A 340 13.13 46.80 -14.59
CA ASP A 340 13.99 47.92 -14.96
C ASP A 340 14.84 48.32 -13.74
N ASP A 341 14.66 49.50 -13.18
CA ASP A 341 15.45 49.93 -12.02
C ASP A 341 14.78 49.76 -10.65
N GLU A 342 13.58 49.20 -10.60
CA GLU A 342 12.91 49.04 -9.33
C GLU A 342 13.06 47.59 -8.84
N SER A 343 13.68 47.42 -7.68
CA SER A 343 13.67 46.13 -7.04
C SER A 343 12.20 45.81 -6.74
N ILE A 344 11.80 44.59 -7.05
CA ILE A 344 10.45 44.11 -6.69
C ILE A 344 10.44 43.08 -5.56
N GLY A 345 11.63 42.65 -5.14
CA GLY A 345 11.79 41.77 -3.99
C GLY A 345 13.07 40.95 -3.99
N ILE A 346 13.26 40.27 -2.88
CA ILE A 346 14.43 39.44 -2.64
C ILE A 346 13.97 37.98 -2.48
N LEU A 347 14.51 37.08 -3.31
CA LEU A 347 14.24 35.65 -3.18
C LEU A 347 15.29 34.89 -2.37
N THR A 348 14.88 34.34 -1.23
CA THR A 348 15.72 33.50 -0.37
C THR A 348 15.55 32.00 -0.75
N ARG A 349 16.03 31.13 0.13
CA ARG A 349 16.18 29.70 -0.15
C ARG A 349 14.84 29.00 -0.41
N GLY A 350 14.74 28.32 -1.54
CA GLY A 350 13.46 27.71 -1.95
C GLY A 350 12.41 28.62 -2.62
N LYS A 351 12.62 29.93 -2.67
CA LYS A 351 11.67 30.79 -3.37
C LYS A 351 12.02 30.76 -4.86
N SER A 352 11.08 31.19 -5.69
CA SER A 352 11.26 31.12 -7.13
C SER A 352 10.48 32.23 -7.84
N PHE A 353 10.66 32.29 -9.16
CA PHE A 353 10.09 33.35 -9.96
C PHE A 353 10.03 32.97 -11.43
N GLY A 354 9.00 33.46 -12.10
CA GLY A 354 8.85 33.28 -13.55
C GLY A 354 7.48 32.88 -14.07
N ASP A 355 6.47 32.78 -13.19
CA ASP A 355 5.08 32.46 -13.59
C ASP A 355 4.64 33.14 -14.88
N GLN A 356 4.95 34.44 -14.98
CA GLN A 356 4.53 35.28 -16.10
C GLN A 356 5.11 34.71 -17.40
N TYR A 357 6.39 34.32 -17.36
CA TYR A 357 7.11 33.85 -18.56
C TYR A 357 6.84 32.37 -18.90
N VAL A 358 6.47 31.59 -17.90
CA VAL A 358 6.07 30.19 -18.09
C VAL A 358 4.74 30.13 -18.84
N LEU A 359 3.82 31.02 -18.48
CA LEU A 359 2.53 31.18 -19.15
C LEU A 359 2.56 31.84 -20.52
N ASN A 360 3.58 32.64 -20.82
CA ASN A 360 3.66 33.30 -22.13
C ASN A 360 5.00 33.04 -22.80
N GLN A 361 5.17 31.89 -23.46
CA GLN A 361 6.51 31.51 -23.94
C GLN A 361 7.14 32.52 -24.90
N LYS A 362 6.32 33.19 -25.70
CA LYS A 362 6.78 34.21 -26.65
C LYS A 362 7.18 35.55 -26.01
N GLN A 363 6.73 35.79 -24.77
CA GLN A 363 6.95 37.06 -24.10
C GLN A 363 8.44 37.30 -23.83
N LYS A 364 8.87 38.55 -24.02
CA LYS A 364 10.25 38.97 -23.73
C LYS A 364 10.46 39.00 -22.22
N PHE A 365 11.43 38.21 -21.71
CA PHE A 365 11.87 38.31 -20.29
C PHE A 365 12.33 39.75 -20.02
N ARG A 366 11.54 40.47 -19.22
CA ARG A 366 11.75 41.90 -18.91
C ARG A 366 12.47 42.13 -17.59
N HIS A 367 12.45 41.17 -16.65
CA HIS A 367 13.03 41.40 -15.35
C HIS A 367 14.51 41.09 -15.40
N THR A 368 15.23 41.52 -14.39
CA THR A 368 16.60 41.12 -14.22
C THR A 368 16.74 40.63 -12.82
N VAL A 369 17.76 39.80 -12.64
CA VAL A 369 17.97 39.09 -11.39
C VAL A 369 19.42 39.22 -10.99
N LYS A 370 19.64 39.61 -9.75
CA LYS A 370 20.98 39.94 -9.31
C LYS A 370 21.29 39.24 -7.99
N SER A 371 22.35 38.45 -8.00
CA SER A 371 22.76 37.76 -6.79
C SER A 371 23.20 38.74 -5.73
N LEU A 372 22.69 38.61 -4.51
CA LEU A 372 23.16 39.40 -3.36
C LEU A 372 24.32 38.77 -2.61
N ASP A 373 24.49 37.47 -2.78
CA ASP A 373 25.60 36.74 -2.17
C ASP A 373 25.93 35.55 -3.03
N VAL A 374 26.88 34.73 -2.61
CA VAL A 374 27.26 33.56 -3.37
C VAL A 374 26.04 32.68 -3.38
N CYS A 375 25.63 32.19 -4.51
CA CYS A 375 24.35 31.49 -4.55
C CYS A 375 24.39 30.30 -5.48
N LYS A 376 23.38 29.43 -5.31
CA LYS A 376 23.14 28.30 -6.20
C LYS A 376 21.69 28.44 -6.70
N ILE A 377 21.57 28.40 -8.03
CA ILE A 377 20.33 28.58 -8.74
C ILE A 377 20.01 27.38 -9.69
N ALA A 378 18.74 26.96 -9.73
CA ALA A 378 18.22 26.06 -10.76
C ALA A 378 17.41 26.88 -11.74
N LEU A 379 17.59 26.62 -13.03
CA LEU A 379 16.98 27.34 -14.11
C LEU A 379 16.20 26.39 -14.99
N ILE A 380 14.99 26.78 -15.38
CA ILE A 380 14.17 26.00 -16.27
C ILE A 380 14.00 26.76 -17.56
N THR A 381 14.62 26.26 -18.61
CA THR A 381 14.55 26.88 -19.91
C THR A 381 13.26 26.45 -20.61
N GLU A 382 12.98 27.13 -21.71
CA GLU A 382 11.84 26.84 -22.56
C GLU A 382 11.83 25.41 -23.11
N SER A 383 13.01 24.93 -23.53
CA SER A 383 13.11 23.57 -24.07
C SER A 383 13.08 22.52 -22.96
N CYS A 384 13.57 22.89 -21.78
CA CYS A 384 13.38 22.05 -20.60
C CYS A 384 11.87 21.82 -20.40
N LEU A 385 11.05 22.88 -20.40
CA LEU A 385 9.58 22.76 -20.29
C LEU A 385 8.92 21.94 -21.39
N ALA A 386 9.40 22.12 -22.62
CA ALA A 386 8.82 21.49 -23.78
C ALA A 386 9.09 19.98 -23.74
N ASP A 387 10.33 19.60 -23.43
CA ASP A 387 10.65 18.19 -23.19
C ASP A 387 9.71 17.64 -22.13
N CYS A 388 9.52 18.39 -21.04
CA CYS A 388 8.68 17.90 -19.96
C CYS A 388 7.25 17.67 -20.44
N LEU A 389 6.73 18.59 -21.25
CA LEU A 389 5.34 18.54 -21.73
C LEU A 389 5.12 17.70 -23.01
N GLY A 390 6.21 17.42 -23.72
CA GLY A 390 6.18 16.66 -24.95
C GLY A 390 5.70 17.48 -26.13
N ASP A 391 5.90 18.80 -26.06
CA ASP A 391 5.25 19.72 -26.99
C ASP A 391 5.89 21.13 -26.99
N ASN A 392 6.29 21.59 -28.17
CA ASN A 392 6.78 22.96 -28.35
C ASN A 392 5.76 24.04 -28.02
N ASN A 393 4.47 23.72 -28.17
CA ASN A 393 3.41 24.64 -27.82
C ASN A 393 3.10 24.59 -26.34
N ILE A 394 3.88 25.36 -25.59
CA ILE A 394 3.90 25.33 -24.12
C ILE A 394 2.59 25.81 -23.55
N ASP A 395 2.15 26.97 -24.01
CA ASP A 395 0.96 27.63 -23.51
C ASP A 395 -0.27 26.75 -23.72
N ALA A 396 -0.36 26.14 -24.91
CA ALA A 396 -1.44 25.21 -25.28
C ALA A 396 -1.43 23.90 -24.47
N SER A 397 -0.22 23.35 -24.22
CA SER A 397 -0.03 22.14 -23.40
C SER A 397 -0.37 22.36 -21.97
N ILE A 398 0.06 23.50 -21.45
CA ILE A 398 -0.22 23.84 -20.07
C ILE A 398 -1.72 23.94 -19.85
N ASP A 399 -2.38 24.61 -20.77
CA ASP A 399 -3.81 24.74 -20.75
C ASP A 399 -4.52 23.38 -20.89
N HIS A 400 -4.15 22.65 -21.93
CA HIS A 400 -4.57 21.24 -22.10
C HIS A 400 -4.39 20.44 -20.81
N ASN A 401 -3.21 20.51 -20.18
CA ASN A 401 -2.96 19.77 -18.94
C ASN A 401 -3.71 20.28 -17.70
N ASN A 402 -4.05 21.58 -17.68
N ASN A 402 -4.05 21.57 -17.67
CA ASN A 402 -4.91 22.12 -16.62
CA ASN A 402 -4.91 22.04 -16.58
C ASN A 402 -6.29 21.46 -16.69
C ASN A 402 -6.29 21.42 -16.69
N LYS A 403 -6.85 21.39 -17.91
CA LYS A 403 -8.15 20.72 -18.14
C LYS A 403 -8.05 19.23 -17.79
N LYS A 404 -7.00 18.58 -18.26
CA LYS A 404 -6.75 17.16 -17.94
C LYS A 404 -6.80 16.85 -16.45
N SER A 405 -6.14 17.65 -15.63
CA SER A 405 -6.10 17.39 -14.20
C SER A 405 -7.43 17.68 -13.50
N ILE A 406 -8.29 18.43 -14.13
CA ILE A 406 -9.62 18.67 -13.56
C ILE A 406 -10.49 17.45 -13.76
N ILE A 407 -10.50 16.92 -14.98
CA ILE A 407 -11.35 15.79 -15.32
C ILE A 407 -10.83 14.45 -14.80
N LYS A 408 -9.52 14.30 -14.66
CA LYS A 408 -8.94 13.05 -14.15
C LYS A 408 -9.20 12.83 -12.67
N LYS A 409 -9.85 13.80 -12.01
CA LYS A 409 -10.29 13.63 -10.63
C LYS A 409 -11.72 13.09 -10.54
N MET A 410 -12.44 13.08 -11.66
CA MET A 410 -13.84 12.61 -11.75
C MET A 410 -13.91 11.17 -12.23
N TYR A 411 -14.76 10.35 -11.61
CA TYR A 411 -14.91 8.95 -12.01
C TYR A 411 -15.15 8.79 -13.49
N ILE A 412 -16.06 9.59 -14.02
CA ILE A 412 -16.52 9.51 -15.39
C ILE A 412 -15.42 9.57 -16.42
N PHE A 413 -14.38 10.33 -16.13
CA PHE A 413 -13.32 10.60 -17.10
C PHE A 413 -12.00 9.92 -16.76
N ARG A 414 -11.73 9.70 -15.48
N ARG A 414 -11.73 9.70 -15.48
CA ARG A 414 -10.39 9.32 -15.10
CA ARG A 414 -10.39 9.31 -15.08
C ARG A 414 -9.92 7.96 -15.57
C ARG A 414 -9.92 7.95 -15.53
N TYR A 415 -10.83 7.06 -15.92
CA TYR A 415 -10.49 5.76 -16.49
C TYR A 415 -10.56 5.65 -18.00
N LEU A 416 -10.89 6.71 -18.69
CA LEU A 416 -10.90 6.70 -20.16
C LEU A 416 -9.49 6.56 -20.71
N SER A 417 -9.31 6.04 -21.91
CA SER A 417 -7.96 5.98 -22.47
C SER A 417 -7.35 7.38 -22.59
N GLU A 418 -6.06 7.47 -22.83
CA GLU A 418 -5.43 8.76 -22.95
C GLU A 418 -5.82 9.47 -24.22
N GLN A 419 -5.85 8.75 -25.34
CA GLN A 419 -6.34 9.25 -26.61
C GLN A 419 -7.78 9.77 -26.53
N GLN A 420 -8.66 9.13 -25.77
CA GLN A 420 -10.03 9.60 -25.62
C GLN A 420 -10.11 10.86 -24.75
N CYS A 421 -9.24 10.92 -23.78
CA CYS A 421 -9.23 11.99 -22.81
C CYS A 421 -8.68 13.28 -23.48
N ASN A 422 -7.66 13.11 -24.31
CA ASN A 422 -7.15 14.17 -25.15
C ASN A 422 -8.16 14.71 -26.18
N LEU A 423 -8.83 13.84 -26.90
CA LEU A 423 -9.82 14.24 -27.89
C LEU A 423 -10.95 15.06 -27.31
N LEU A 424 -11.32 14.69 -26.10
CA LEU A 424 -12.39 15.29 -25.36
C LEU A 424 -11.98 16.67 -24.88
N ILE A 425 -10.78 16.76 -24.33
CA ILE A 425 -10.20 18.02 -23.94
C ILE A 425 -10.13 18.98 -25.14
N GLU A 426 -9.63 18.51 -26.28
CA GLU A 426 -9.58 19.32 -27.50
C GLU A 426 -10.94 19.78 -28.04
N ALA A 427 -11.99 19.06 -27.68
CA ALA A 427 -13.34 19.39 -28.09
C ALA A 427 -14.04 20.45 -27.22
N PHE A 428 -13.45 20.82 -26.09
CA PHE A 428 -13.99 21.88 -25.23
C PHE A 428 -14.16 23.20 -26.00
N ARG A 429 -15.30 23.84 -25.75
CA ARG A 429 -15.64 25.15 -26.31
C ARG A 429 -15.85 26.07 -25.13
N THR A 430 -15.82 27.36 -25.39
CA THR A 430 -15.89 28.40 -24.37
C THR A 430 -17.07 29.32 -24.65
N THR A 431 -17.83 29.62 -23.62
CA THR A 431 -18.84 30.66 -23.64
C THR A 431 -18.63 31.60 -22.43
N ARG A 432 -19.11 32.84 -22.60
CA ARG A 432 -19.13 33.85 -21.55
C ARG A 432 -20.57 34.15 -21.15
N TYR A 433 -20.77 34.39 -19.87
CA TYR A 433 -22.09 34.71 -19.32
C TYR A 433 -22.09 36.07 -18.59
N GLU A 434 -23.21 36.78 -18.70
CA GLU A 434 -23.43 37.99 -17.90
C GLU A 434 -23.88 37.53 -16.53
N GLU A 435 -23.78 38.42 -15.54
CA GLU A 435 -24.27 38.12 -14.20
C GLU A 435 -25.78 37.96 -14.24
N GLY A 436 -26.31 37.09 -13.39
CA GLY A 436 -27.72 36.76 -13.39
C GLY A 436 -28.20 35.85 -14.53
N ASP A 437 -27.31 35.51 -15.48
CA ASP A 437 -27.66 34.56 -16.56
C ASP A 437 -27.74 33.17 -15.97
N TYR A 438 -28.80 32.46 -16.35
CA TYR A 438 -29.01 31.09 -15.91
C TYR A 438 -28.18 30.16 -16.80
N ILE A 439 -26.98 29.82 -16.34
CA ILE A 439 -26.13 28.88 -17.08
C ILE A 439 -26.91 27.56 -17.33
N ILE A 440 -27.53 27.04 -16.27
CA ILE A 440 -28.46 25.92 -16.31
C ILE A 440 -29.73 26.29 -15.51
N GLN A 441 -30.88 25.83 -15.99
N GLN A 441 -30.89 25.87 -16.02
CA GLN A 441 -32.18 26.06 -15.37
CA GLN A 441 -32.17 26.07 -15.35
C GLN A 441 -32.71 24.72 -14.85
C GLN A 441 -32.69 24.73 -14.84
N GLU A 442 -33.10 24.67 -13.57
CA GLU A 442 -33.67 23.47 -12.95
C GLU A 442 -34.94 23.01 -13.69
N GLY A 443 -35.02 21.72 -13.97
CA GLY A 443 -36.14 21.13 -14.67
C GLY A 443 -35.91 20.85 -16.15
N GLU A 444 -34.97 21.55 -16.78
CA GLU A 444 -34.69 21.32 -18.20
C GLU A 444 -33.75 20.13 -18.37
N VAL A 445 -33.83 19.56 -19.57
CA VAL A 445 -33.05 18.42 -19.95
C VAL A 445 -31.75 18.92 -20.56
N GLY A 446 -30.64 18.61 -19.88
CA GLY A 446 -29.30 19.05 -20.26
C GLY A 446 -28.69 18.21 -21.35
N SER A 447 -27.76 18.82 -22.07
CA SER A 447 -26.88 18.11 -22.99
C SER A 447 -25.42 18.52 -22.81
N ARG A 448 -25.06 19.24 -21.75
CA ARG A 448 -23.71 19.81 -21.62
C ARG A 448 -23.09 19.59 -20.27
N PHE A 449 -21.77 19.44 -20.29
CA PHE A 449 -20.93 19.44 -19.09
C PHE A 449 -20.03 20.69 -19.08
N TYR A 450 -19.87 21.28 -17.90
CA TYR A 450 -19.22 22.61 -17.70
C TYR A 450 -18.06 22.60 -16.71
N ILE A 451 -16.95 23.23 -17.09
CA ILE A 451 -15.84 23.55 -16.17
C ILE A 451 -15.71 25.06 -16.08
N ILE A 452 -15.62 25.62 -14.88
CA ILE A 452 -15.54 27.11 -14.73
C ILE A 452 -14.12 27.63 -15.04
N LYS A 453 -14.02 28.44 -16.08
CA LYS A 453 -12.75 29.06 -16.46
C LYS A 453 -12.45 30.25 -15.52
N ASN A 454 -13.38 31.21 -15.47
CA ASN A 454 -13.24 32.50 -14.72
C ASN A 454 -14.47 32.82 -13.88
N GLY A 455 -14.26 33.28 -12.65
CA GLY A 455 -15.34 33.84 -11.84
C GLY A 455 -16.15 32.78 -11.12
N GLU A 456 -17.34 33.16 -10.69
CA GLU A 456 -18.11 32.38 -9.71
C GLU A 456 -19.55 32.16 -10.14
N VAL A 457 -20.16 31.09 -9.62
CA VAL A 457 -21.58 30.78 -9.86
C VAL A 457 -22.23 30.26 -8.59
N GLU A 458 -23.57 30.24 -8.59
CA GLU A 458 -24.36 29.85 -7.42
C GLU A 458 -25.33 28.72 -7.75
N VAL A 459 -25.26 27.64 -6.96
CA VAL A 459 -26.12 26.48 -7.13
C VAL A 459 -27.36 26.71 -6.28
N THR A 460 -28.54 26.64 -6.89
CA THR A 460 -29.81 26.87 -6.19
C THR A 460 -30.85 25.80 -6.54
N LYS A 461 -31.82 25.61 -5.65
CA LYS A 461 -32.96 24.72 -5.90
C LYS A 461 -34.22 25.32 -5.27
N ASN A 462 -35.27 25.43 -6.10
CA ASN A 462 -36.54 26.10 -5.77
C ASN A 462 -36.42 27.40 -4.98
N GLY A 463 -35.41 28.19 -5.31
CA GLY A 463 -35.12 29.46 -4.62
C GLY A 463 -34.03 29.34 -3.58
N LYS A 464 -34.13 28.33 -2.71
CA LYS A 464 -33.13 28.10 -1.65
C LYS A 464 -31.78 27.78 -2.28
N ARG A 465 -30.72 28.39 -1.75
CA ARG A 465 -29.37 28.26 -2.26
C ARG A 465 -28.71 27.04 -1.60
N LEU A 466 -27.81 26.37 -2.33
CA LEU A 466 -27.09 25.18 -1.81
C LEU A 466 -25.60 25.46 -1.60
N ARG A 467 -24.91 25.97 -2.62
CA ARG A 467 -23.47 26.28 -2.52
C ARG A 467 -22.97 27.27 -3.59
N THR A 468 -21.69 27.62 -3.49
CA THR A 468 -20.98 28.51 -4.44
C THR A 468 -19.80 27.74 -5.05
N LEU A 469 -19.52 28.00 -6.34
CA LEU A 469 -18.48 27.30 -7.09
C LEU A 469 -17.64 28.28 -7.89
N GLY A 470 -16.34 28.04 -7.96
CA GLY A 470 -15.41 28.95 -8.65
C GLY A 470 -14.44 28.27 -9.57
N LYS A 471 -13.31 28.94 -9.79
CA LYS A 471 -12.39 28.57 -10.85
C LYS A 471 -12.00 27.09 -10.80
N ASN A 472 -12.17 26.41 -11.94
CA ASN A 472 -11.85 25.01 -12.11
C ASN A 472 -12.73 24.00 -11.39
N ASP A 473 -13.80 24.47 -10.72
CA ASP A 473 -14.91 23.60 -10.38
C ASP A 473 -15.67 23.26 -11.66
N TYR A 474 -16.45 22.19 -11.58
CA TYR A 474 -17.17 21.63 -12.73
C TYR A 474 -18.61 21.36 -12.32
N PHE A 475 -19.51 21.24 -13.30
CA PHE A 475 -20.90 20.84 -13.00
C PHE A 475 -21.65 20.32 -14.22
N GLY A 476 -22.73 19.61 -13.93
CA GLY A 476 -23.61 19.06 -14.95
C GLY A 476 -23.15 17.81 -15.69
N GLU A 477 -22.16 17.11 -15.17
CA GLU A 477 -21.63 15.92 -15.84
C GLU A 477 -22.68 14.83 -16.16
N ARG A 478 -23.72 14.71 -15.34
CA ARG A 478 -24.78 13.71 -15.59
C ARG A 478 -25.50 13.86 -16.93
N ALA A 479 -25.67 15.10 -17.39
CA ALA A 479 -26.21 15.32 -18.72
C ALA A 479 -25.50 14.52 -19.81
N LEU A 480 -24.27 14.11 -19.56
CA LEU A 480 -23.50 13.34 -20.55
C LEU A 480 -23.95 11.86 -20.68
N LEU A 481 -24.56 11.32 -19.62
CA LEU A 481 -24.93 9.92 -19.49
C LEU A 481 -26.43 9.64 -19.58
N TYR A 482 -27.26 10.56 -19.10
CA TYR A 482 -28.71 10.40 -19.06
C TYR A 482 -29.42 11.62 -19.64
N ASP A 483 -30.64 11.41 -20.11
CA ASP A 483 -31.55 12.49 -20.44
C ASP A 483 -32.54 12.61 -19.31
N GLU A 484 -32.41 13.67 -18.52
CA GLU A 484 -33.18 13.83 -17.30
C GLU A 484 -33.22 15.30 -16.90
N PRO A 485 -34.18 15.67 -16.04
CA PRO A 485 -34.25 17.07 -15.61
C PRO A 485 -33.07 17.45 -14.72
N ARG A 486 -32.56 18.66 -14.89
CA ARG A 486 -31.54 19.20 -14.01
C ARG A 486 -32.20 19.42 -12.67
N THR A 487 -31.54 19.00 -11.59
CA THR A 487 -32.11 19.12 -10.24
C THR A 487 -31.71 20.42 -9.53
N ALA A 488 -31.02 21.31 -10.22
CA ALA A 488 -30.65 22.61 -9.66
C ALA A 488 -30.33 23.63 -10.77
N SER A 489 -30.37 24.91 -10.39
CA SER A 489 -30.05 25.99 -11.31
C SER A 489 -28.63 26.46 -11.00
N ILE A 490 -27.93 26.93 -12.03
CA ILE A 490 -26.57 27.40 -11.90
C ILE A 490 -26.61 28.81 -12.46
N ILE A 491 -26.47 29.79 -11.57
CA ILE A 491 -26.66 31.20 -11.86
C ILE A 491 -25.30 31.89 -11.83
N SER A 492 -25.01 32.69 -12.85
CA SER A 492 -23.76 33.43 -12.93
C SER A 492 -23.80 34.56 -11.90
N LYS A 493 -22.95 34.47 -10.88
CA LYS A 493 -22.95 35.43 -9.76
C LYS A 493 -21.57 36.10 -9.66
N ALA A 494 -21.15 36.65 -10.80
CA ALA A 494 -19.95 37.46 -10.95
C ALA A 494 -20.00 38.14 -12.32
N THR A 495 -19.15 39.14 -12.50
CA THR A 495 -19.06 39.86 -13.77
C THR A 495 -18.30 39.04 -14.83
N SER A 496 -19.01 38.67 -15.89
CA SER A 496 -18.44 38.03 -17.09
C SER A 496 -17.74 36.70 -16.82
N VAL A 497 -18.54 35.74 -16.35
CA VAL A 497 -18.09 34.36 -16.08
C VAL A 497 -17.84 33.62 -17.40
N GLU A 498 -16.79 32.82 -17.43
CA GLU A 498 -16.45 32.02 -18.60
C GLU A 498 -16.41 30.51 -18.25
N CYS A 499 -17.11 29.70 -19.02
CA CYS A 499 -17.08 28.25 -18.85
C CYS A 499 -16.52 27.56 -20.07
N TRP A 500 -15.77 26.50 -19.83
CA TRP A 500 -15.50 25.49 -20.86
C TRP A 500 -16.68 24.52 -20.91
N PHE A 501 -17.02 24.04 -22.09
CA PHE A 501 -18.05 23.02 -22.12
C PHE A 501 -17.90 22.02 -23.26
N VAL A 502 -18.53 20.87 -23.04
CA VAL A 502 -18.55 19.81 -24.04
C VAL A 502 -19.98 19.30 -24.19
N ASP A 503 -20.39 19.12 -25.44
CA ASP A 503 -21.72 18.55 -25.76
C ASP A 503 -21.71 17.02 -25.58
N LYS A 504 -22.86 16.50 -25.12
CA LYS A 504 -23.16 15.06 -25.09
C LYS A 504 -22.87 14.43 -26.43
N SER A 505 -23.31 15.04 -27.52
CA SER A 505 -23.03 14.49 -28.84
C SER A 505 -21.56 14.21 -29.08
N VAL A 506 -20.69 15.09 -28.62
CA VAL A 506 -19.25 14.93 -28.87
C VAL A 506 -18.70 13.84 -27.96
N PHE A 507 -19.14 13.83 -26.72
CA PHE A 507 -18.80 12.78 -25.77
C PHE A 507 -19.15 11.36 -26.30
N LEU A 508 -20.33 11.17 -26.86
CA LEU A 508 -20.73 9.90 -27.44
C LEU A 508 -19.97 9.52 -28.73
N GLN A 509 -19.34 10.47 -29.42
CA GLN A 509 -18.45 10.10 -30.54
C GLN A 509 -17.08 9.60 -30.07
N ILE A 510 -16.78 9.72 -28.79
CA ILE A 510 -15.47 9.43 -28.23
C ILE A 510 -15.55 8.19 -27.36
N ILE A 511 -16.45 8.16 -26.40
CA ILE A 511 -16.61 7.01 -25.53
C ILE A 511 -17.39 5.87 -26.26
N GLN A 512 -16.82 4.68 -26.23
CA GLN A 512 -17.39 3.48 -26.89
C GLN A 512 -18.30 2.68 -25.95
N GLY A 513 -19.22 1.91 -26.53
CA GLY A 513 -20.27 1.17 -25.78
C GLY A 513 -19.96 0.57 -24.40
N PRO A 514 -18.89 -0.26 -24.30
CA PRO A 514 -18.63 -0.96 -23.04
C PRO A 514 -18.36 -0.04 -21.85
N MET A 515 -17.48 0.94 -22.02
CA MET A 515 -17.28 2.00 -21.00
C MET A 515 -18.57 2.77 -20.73
N LEU A 516 -19.27 3.18 -21.78
CA LEU A 516 -20.55 3.89 -21.63
C LEU A 516 -21.55 3.09 -20.79
N THR A 517 -21.65 1.78 -21.04
CA THR A 517 -22.53 0.90 -20.28
C THR A 517 -22.10 0.85 -18.82
N HIS A 518 -20.80 0.67 -18.60
CA HIS A 518 -20.25 0.68 -17.26
C HIS A 518 -20.63 1.99 -16.55
N LEU A 519 -20.37 3.12 -17.18
CA LEU A 519 -20.73 4.42 -16.56
C LEU A 519 -22.23 4.62 -16.37
N GLU A 520 -23.05 4.44 -17.41
CA GLU A 520 -24.53 4.51 -17.27
C GLU A 520 -25.03 3.76 -16.03
N GLU A 521 -24.60 2.51 -15.91
CA GLU A 521 -25.09 1.61 -14.86
C GLU A 521 -24.61 2.01 -13.48
N ARG A 522 -23.41 2.56 -13.42
CA ARG A 522 -22.76 2.82 -12.15
C ARG A 522 -23.27 4.06 -11.44
N ILE A 523 -23.35 5.16 -12.18
CA ILE A 523 -23.73 6.45 -11.61
C ILE A 523 -25.18 6.43 -11.11
N LYS A 524 -26.07 5.71 -11.80
CA LYS A 524 -27.45 5.44 -11.33
C LYS A 524 -27.59 4.98 -9.88
N MET A 525 -26.65 4.13 -9.43
CA MET A 525 -26.74 3.43 -8.12
C MET A 525 -26.95 4.29 -6.87
N GLN A 526 -26.36 5.49 -6.87
CA GLN A 526 -26.59 6.48 -5.82
C GLN A 526 -27.96 7.16 -5.89
N ASP A 527 -28.56 7.26 -7.08
CA ASP A 527 -29.87 7.95 -7.25
C ASP A 527 -30.96 7.32 -6.38
N THR A 528 -30.94 5.99 -6.35
CA THR A 528 -32.01 5.20 -5.77
C THR A 528 -31.71 4.94 -4.29
N LYS A 529 -32.37 5.69 -3.41
CA LYS A 529 -32.30 5.42 -1.99
C LYS A 529 -33.10 4.14 -1.80
N VAL A 530 -32.45 3.09 -1.31
CA VAL A 530 -33.07 1.78 -1.15
C VAL A 530 -33.46 1.61 0.31
N GLU A 531 -34.68 1.12 0.53
CA GLU A 531 -35.12 0.69 1.84
C GLU A 531 -35.34 -0.82 1.79
N MET A 532 -35.08 -1.47 2.93
CA MET A 532 -35.12 -2.93 3.04
C MET A 532 -36.46 -3.51 2.53
N HIS A 533 -37.57 -2.90 2.94
CA HIS A 533 -38.91 -3.35 2.54
C HIS A 533 -39.21 -3.27 1.03
N GLU A 534 -38.51 -2.39 0.32
CA GLU A 534 -38.60 -2.31 -1.16
C GLU A 534 -37.90 -3.48 -1.88
N LEU A 535 -37.07 -4.25 -1.16
CA LEU A 535 -36.34 -5.38 -1.74
C LEU A 535 -37.10 -6.72 -1.60
N GLU A 536 -37.19 -7.45 -2.69
CA GLU A 536 -37.61 -8.85 -2.69
C GLU A 536 -36.42 -9.65 -3.20
N THR A 537 -36.27 -10.86 -2.68
CA THR A 537 -35.14 -11.74 -3.00
C THR A 537 -35.56 -12.71 -4.11
N GLU A 538 -34.77 -12.82 -5.17
CA GLU A 538 -35.04 -13.79 -6.26
C GLU A 538 -34.55 -15.19 -5.92
N ARG A 539 -33.34 -15.28 -5.37
CA ARG A 539 -32.67 -16.54 -5.15
C ARG A 539 -31.45 -16.33 -4.23
N ILE A 540 -30.72 -17.40 -3.93
CA ILE A 540 -29.44 -17.32 -3.24
C ILE A 540 -28.34 -17.48 -4.29
N ILE A 541 -27.32 -16.61 -4.22
CA ILE A 541 -26.17 -16.66 -5.14
C ILE A 541 -24.82 -16.83 -4.43
N GLY A 542 -24.85 -17.13 -3.13
CA GLY A 542 -23.63 -17.36 -2.35
C GLY A 542 -23.93 -17.70 -0.89
N ARG A 543 -22.95 -18.29 -0.20
CA ARG A 543 -23.13 -18.81 1.16
C ARG A 543 -21.80 -18.79 1.91
N GLY A 544 -21.55 -17.71 2.65
CA GLY A 544 -20.24 -17.48 3.26
C GLY A 544 -19.96 -18.16 4.58
N THR A 545 -20.95 -18.85 5.16
CA THR A 545 -20.86 -19.45 6.51
C THR A 545 -21.23 -18.42 7.59
N PHE A 546 -20.60 -17.24 7.54
CA PHE A 546 -21.04 -16.06 8.29
C PHE A 546 -22.52 -15.71 8.10
N GLY A 547 -22.99 -15.80 6.85
CA GLY A 547 -24.41 -15.67 6.55
C GLY A 547 -24.76 -16.08 5.12
N THR A 548 -25.46 -15.20 4.41
CA THR A 548 -26.04 -15.50 3.08
C THR A 548 -25.82 -14.34 2.12
N VAL A 549 -25.79 -14.65 0.82
CA VAL A 549 -25.76 -13.64 -0.24
C VAL A 549 -26.93 -13.85 -1.20
N LYS A 550 -27.99 -13.08 -1.00
CA LYS A 550 -29.22 -13.16 -1.79
C LYS A 550 -29.14 -12.22 -2.99
N LEU A 551 -29.66 -12.66 -4.14
CA LEU A 551 -29.84 -11.80 -5.32
C LEU A 551 -31.19 -11.10 -5.15
N VAL A 552 -31.18 -9.77 -5.08
CA VAL A 552 -32.38 -8.99 -4.76
C VAL A 552 -32.79 -8.06 -5.89
N HIS A 553 -34.05 -7.63 -5.82
CA HIS A 553 -34.77 -6.96 -6.91
C HIS A 553 -35.45 -5.73 -6.32
N HIS A 554 -35.08 -4.54 -6.78
CA HIS A 554 -35.70 -3.28 -6.29
C HIS A 554 -36.95 -2.97 -7.12
N LYS A 555 -38.12 -3.13 -6.51
CA LYS A 555 -39.41 -3.06 -7.21
C LYS A 555 -39.70 -1.74 -7.97
N PRO A 556 -39.44 -0.57 -7.35
CA PRO A 556 -39.67 0.72 -8.04
C PRO A 556 -38.91 0.93 -9.37
N THR A 557 -37.62 0.58 -9.39
CA THR A 557 -36.73 0.82 -10.54
C THR A 557 -36.36 -0.44 -11.35
N GLN A 558 -36.59 -1.62 -10.77
CA GLN A 558 -36.26 -2.93 -11.37
C GLN A 558 -34.75 -3.21 -11.48
N ILE A 559 -33.93 -2.42 -10.79
CA ILE A 559 -32.48 -2.64 -10.78
C ILE A 559 -32.24 -3.84 -9.85
N ARG A 560 -31.24 -4.64 -10.20
CA ARG A 560 -30.95 -5.89 -9.50
C ARG A 560 -29.64 -5.74 -8.74
N TYR A 561 -29.64 -6.21 -7.48
CA TYR A 561 -28.50 -6.04 -6.57
C TYR A 561 -28.11 -7.35 -5.91
N ALA A 562 -26.99 -7.34 -5.19
CA ALA A 562 -26.63 -8.40 -4.26
C ALA A 562 -26.77 -7.86 -2.85
N LEU A 563 -27.34 -8.68 -1.97
CA LEU A 563 -27.49 -8.35 -0.56
C LEU A 563 -26.77 -9.42 0.25
N LYS A 564 -25.67 -9.03 0.89
CA LYS A 564 -24.94 -9.92 1.80
C LYS A 564 -25.51 -9.75 3.20
N CYS A 565 -26.00 -10.85 3.78
CA CYS A 565 -26.55 -10.87 5.13
C CYS A 565 -25.50 -11.48 6.08
N VAL A 566 -25.25 -10.81 7.20
CA VAL A 566 -24.16 -11.18 8.12
C VAL A 566 -24.71 -11.26 9.54
N SER A 567 -24.84 -12.47 10.08
CA SER A 567 -25.47 -12.67 11.40
C SER A 567 -24.70 -11.99 12.53
N LYS A 568 -25.44 -11.42 13.47
CA LYS A 568 -24.85 -10.76 14.64
C LYS A 568 -24.03 -11.74 15.45
N ARG A 569 -24.63 -12.90 15.73
CA ARG A 569 -24.03 -13.95 16.58
C ARG A 569 -22.70 -14.49 16.07
N SER A 570 -22.55 -14.59 14.75
CA SER A 570 -21.26 -14.97 14.14
C SER A 570 -20.18 -13.90 14.40
N ILE A 571 -20.58 -12.62 14.38
CA ILE A 571 -19.69 -11.50 14.71
C ILE A 571 -19.34 -11.45 16.20
N ILE A 572 -20.35 -11.57 17.07
CA ILE A 572 -20.16 -11.46 18.53
C ILE A 572 -19.26 -12.59 19.07
N SER A 573 -19.51 -13.81 18.63
CA SER A 573 -18.78 -14.99 19.13
C SER A 573 -17.27 -14.94 18.88
N LEU A 574 -16.85 -14.39 17.74
CA LEU A 574 -15.43 -14.34 17.35
C LEU A 574 -14.69 -13.05 17.80
N ASN A 575 -15.37 -12.16 18.53
CA ASN A 575 -14.81 -10.87 18.94
C ASN A 575 -14.51 -9.94 17.74
N GLN A 576 -15.38 -9.99 16.74
CA GLN A 576 -15.26 -9.21 15.50
C GLN A 576 -16.15 -7.97 15.53
N GLN A 577 -16.37 -7.39 16.71
CA GLN A 577 -17.17 -6.17 16.85
C GLN A 577 -16.32 -5.00 16.34
N ASN A 578 -15.08 -4.94 16.81
CA ASN A 578 -14.06 -4.05 16.27
C ASN A 578 -13.88 -4.12 14.74
N ASN A 579 -13.89 -5.33 14.17
CA ASN A 579 -13.55 -5.56 12.76
C ASN A 579 -14.65 -5.32 11.71
N ILE A 580 -15.90 -5.55 12.07
CA ILE A 580 -17.02 -5.41 11.13
C ILE A 580 -17.29 -3.96 10.71
N LYS A 581 -17.11 -3.03 11.63
CA LYS A 581 -17.24 -1.61 11.33
C LYS A 581 -16.05 -1.09 10.48
N LEU A 582 -14.84 -1.59 10.75
CA LEU A 582 -13.66 -1.29 9.92
C LEU A 582 -13.83 -1.80 8.48
N GLU A 583 -14.51 -2.93 8.33
CA GLU A 583 -14.84 -3.46 7.00
C GLU A 583 -15.84 -2.57 6.26
N ARG A 584 -16.90 -2.15 6.95
CA ARG A 584 -17.92 -1.26 6.39
C ARG A 584 -17.32 0.07 5.90
N GLU A 585 -16.43 0.65 6.70
CA GLU A 585 -15.66 1.82 6.31
C GLU A 585 -14.92 1.59 4.98
N ILE A 586 -14.03 0.60 4.93
CA ILE A 586 -13.26 0.29 3.72
C ILE A 586 -14.15 -0.01 2.52
N THR A 587 -15.12 -0.90 2.71
CA THR A 587 -16.08 -1.26 1.67
C THR A 587 -16.86 -0.06 1.11
N ALA A 588 -17.28 0.86 1.98
CA ALA A 588 -18.04 2.06 1.56
C ALA A 588 -17.23 3.04 0.71
N GLU A 589 -15.96 3.24 1.05
CA GLU A 589 -15.08 4.20 0.37
C GLU A 589 -14.52 3.73 -0.97
N ASN A 590 -14.52 2.41 -1.24
CA ASN A 590 -13.93 1.90 -2.49
C ASN A 590 -14.71 2.40 -3.72
N ASP A 591 -14.01 3.08 -4.64
CA ASP A 591 -14.64 3.69 -5.80
C ASP A 591 -13.75 3.55 -7.02
N HIS A 592 -13.56 2.31 -7.42
CA HIS A 592 -12.68 1.89 -8.51
C HIS A 592 -13.47 0.89 -9.40
N PRO A 593 -13.26 0.92 -10.73
CA PRO A 593 -14.03 0.07 -11.64
C PRO A 593 -13.89 -1.45 -11.48
N PHE A 594 -12.74 -1.90 -11.00
CA PHE A 594 -12.43 -3.30 -10.75
C PHE A 594 -12.55 -3.70 -9.28
N ILE A 595 -13.27 -2.92 -8.47
CA ILE A 595 -13.55 -3.25 -7.07
C ILE A 595 -15.05 -3.09 -6.85
N ILE A 596 -15.63 -3.99 -6.07
CA ILE A 596 -17.07 -3.99 -5.88
C ILE A 596 -17.50 -2.62 -5.28
N ARG A 597 -18.58 -2.07 -5.83
CA ARG A 597 -19.14 -0.81 -5.39
C ARG A 597 -20.31 -1.06 -4.45
N LEU A 598 -20.16 -0.61 -3.21
CA LEU A 598 -21.22 -0.64 -2.23
C LEU A 598 -22.27 0.43 -2.56
N VAL A 599 -23.54 0.10 -2.31
CA VAL A 599 -24.65 1.03 -2.51
C VAL A 599 -25.01 1.66 -1.17
N ARG A 600 -25.34 0.80 -0.20
CA ARG A 600 -25.55 1.22 1.18
C ARG A 600 -25.54 -0.02 2.08
N THR A 601 -25.71 0.20 3.38
CA THR A 601 -25.86 -0.87 4.35
C THR A 601 -27.18 -0.73 5.07
N PHE A 602 -27.54 -1.73 5.85
CA PHE A 602 -28.75 -1.69 6.69
C PHE A 602 -28.44 -2.30 8.06
N LYS A 603 -29.17 -1.87 9.09
CA LYS A 603 -29.04 -2.39 10.45
C LYS A 603 -30.25 -3.25 10.76
N ASP A 604 -30.12 -4.11 11.77
CA ASP A 604 -31.18 -5.03 12.19
C ASP A 604 -30.75 -5.71 13.49
N SER A 605 -31.71 -6.00 14.37
CA SER A 605 -31.42 -6.69 15.64
C SER A 605 -30.87 -8.12 15.48
N ASN A 606 -31.11 -8.75 14.32
CA ASN A 606 -30.61 -10.11 14.04
C ASN A 606 -29.34 -10.19 13.16
N CYS A 607 -29.19 -9.32 12.16
CA CYS A 607 -28.05 -9.42 11.23
C CYS A 607 -27.73 -8.16 10.41
N PHE A 608 -26.44 -7.88 10.23
CA PHE A 608 -25.98 -6.75 9.40
C PHE A 608 -26.16 -7.06 7.91
N TYR A 609 -26.16 -6.02 7.08
CA TYR A 609 -26.41 -6.17 5.64
C TYR A 609 -25.51 -5.25 4.80
N PHE A 610 -24.96 -5.78 3.70
CA PHE A 610 -24.27 -5.01 2.68
C PHE A 610 -25.05 -5.10 1.39
N LEU A 611 -25.57 -3.98 0.90
CA LEU A 611 -26.17 -3.93 -0.43
C LEU A 611 -25.11 -3.46 -1.44
N THR A 612 -24.78 -4.32 -2.40
CA THR A 612 -23.76 -4.02 -3.42
C THR A 612 -24.27 -4.34 -4.80
N GLU A 613 -23.59 -3.79 -5.83
CA GLU A 613 -23.90 -4.16 -7.22
C GLU A 613 -23.85 -5.69 -7.40
N LEU A 614 -24.68 -6.19 -8.30
CA LEU A 614 -24.74 -7.58 -8.67
C LEU A 614 -23.71 -7.84 -9.76
N VAL A 615 -22.95 -8.92 -9.61
CA VAL A 615 -21.90 -9.26 -10.56
C VAL A 615 -22.28 -10.61 -11.13
N THR A 616 -22.39 -10.71 -12.46
CA THR A 616 -23.09 -11.85 -13.09
C THR A 616 -22.24 -12.85 -13.89
N GLY A 617 -20.93 -12.65 -13.93
CA GLY A 617 -20.02 -13.55 -14.68
C GLY A 617 -19.29 -14.64 -13.90
N GLY A 618 -19.58 -14.77 -12.60
CA GLY A 618 -19.02 -15.85 -11.75
C GLY A 618 -17.62 -15.55 -11.26
N GLU A 619 -17.09 -16.38 -10.37
CA GLU A 619 -15.73 -16.21 -9.86
C GLU A 619 -14.62 -16.48 -10.88
N LEU A 620 -13.47 -15.84 -10.65
CA LEU A 620 -12.27 -16.06 -11.45
C LEU A 620 -11.68 -17.46 -11.23
N TYR A 621 -11.80 -17.97 -10.00
CA TYR A 621 -11.50 -19.37 -9.63
C TYR A 621 -12.04 -20.33 -10.68
N ASP A 622 -13.31 -20.18 -11.04
CA ASP A 622 -13.93 -21.06 -12.03
C ASP A 622 -13.51 -20.71 -13.46
N ALA A 623 -13.32 -19.42 -13.78
CA ALA A 623 -12.90 -19.04 -15.14
C ALA A 623 -11.56 -19.60 -15.59
N ILE A 624 -10.55 -19.58 -14.72
CA ILE A 624 -9.25 -20.14 -15.09
C ILE A 624 -9.38 -21.67 -15.25
N ARG A 625 -10.25 -22.25 -14.43
CA ARG A 625 -10.58 -23.64 -14.57
C ARG A 625 -11.28 -23.95 -15.91
N LYS A 626 -12.09 -23.07 -16.48
CA LYS A 626 -12.62 -23.29 -17.85
C LYS A 626 -11.55 -23.12 -18.92
N LEU A 627 -10.65 -22.17 -18.70
CA LEU A 627 -9.65 -21.79 -19.68
C LEU A 627 -8.47 -22.74 -19.71
N GLY A 628 -8.16 -23.34 -18.55
CA GLY A 628 -6.94 -24.16 -18.39
C GLY A 628 -5.75 -23.29 -18.05
N LEU A 629 -4.61 -23.59 -18.64
CA LEU A 629 -3.43 -22.75 -18.53
C LEU A 629 -3.63 -21.49 -19.39
N LEU A 630 -3.56 -20.33 -18.77
CA LEU A 630 -3.81 -19.07 -19.48
C LEU A 630 -2.62 -18.74 -20.37
N SER A 631 -2.87 -18.24 -21.56
CA SER A 631 -1.79 -17.73 -22.41
C SER A 631 -1.27 -16.38 -21.85
N LYS A 632 -0.22 -15.82 -22.47
CA LYS A 632 0.33 -14.54 -22.00
C LYS A 632 -0.76 -13.43 -22.02
N PRO A 633 -1.41 -13.20 -23.17
CA PRO A 633 -2.46 -12.16 -23.19
C PRO A 633 -3.55 -12.35 -22.13
N GLN A 634 -3.98 -13.58 -21.87
CA GLN A 634 -5.02 -13.78 -20.86
C GLN A 634 -4.52 -13.54 -19.45
N ALA A 635 -3.32 -14.00 -19.14
CA ALA A 635 -2.72 -13.72 -17.82
C ALA A 635 -2.41 -12.21 -17.62
N GLN A 636 -1.96 -11.53 -18.67
CA GLN A 636 -1.76 -10.05 -18.61
C GLN A 636 -3.06 -9.38 -18.19
N PHE A 637 -4.16 -9.74 -18.87
CA PHE A 637 -5.45 -9.13 -18.62
C PHE A 637 -5.86 -9.33 -17.18
N TYR A 638 -5.93 -10.57 -16.69
CA TYR A 638 -6.42 -10.75 -15.31
C TYR A 638 -5.46 -10.18 -14.27
N LEU A 639 -4.16 -10.43 -14.44
CA LEU A 639 -3.18 -9.91 -13.48
C LEU A 639 -3.14 -8.38 -13.50
N GLY A 640 -3.07 -7.84 -14.70
CA GLY A 640 -3.25 -6.41 -14.96
C GLY A 640 -4.41 -5.81 -14.17
N SER A 641 -5.60 -6.37 -14.37
CA SER A 641 -6.80 -5.92 -13.71
C SER A 641 -6.65 -5.95 -12.20
N ILE A 642 -6.10 -7.04 -11.67
CA ILE A 642 -5.91 -7.19 -10.22
C ILE A 642 -4.93 -6.14 -9.73
N ILE A 643 -3.89 -5.91 -10.52
CA ILE A 643 -2.88 -4.91 -10.18
C ILE A 643 -3.51 -3.52 -9.98
N LEU A 644 -4.37 -3.09 -10.90
CA LEU A 644 -5.01 -1.77 -10.78
C LEU A 644 -5.85 -1.67 -9.50
N ALA A 645 -6.66 -2.68 -9.22
CA ALA A 645 -7.44 -2.72 -7.96
C ALA A 645 -6.57 -2.65 -6.70
N ILE A 646 -5.51 -3.46 -6.67
CA ILE A 646 -4.62 -3.52 -5.52
C ILE A 646 -3.85 -2.21 -5.33
N GLU A 647 -3.38 -1.66 -6.45
CA GLU A 647 -2.65 -0.38 -6.45
C GLU A 647 -3.53 0.75 -5.92
N TYR A 648 -4.78 0.78 -6.39
CA TYR A 648 -5.81 1.68 -5.87
C TYR A 648 -5.91 1.61 -4.35
N LEU A 649 -5.94 0.39 -3.81
CA LEU A 649 -6.05 0.22 -2.35
C LEU A 649 -4.78 0.64 -1.62
N HIS A 650 -3.61 0.36 -2.19
CA HIS A 650 -2.35 0.70 -1.52
C HIS A 650 -2.18 2.23 -1.47
N GLU A 651 -2.57 2.90 -2.54
CA GLU A 651 -2.65 4.37 -2.53
C GLU A 651 -3.45 4.92 -1.36
N ARG A 652 -4.49 4.22 -0.93
CA ARG A 652 -5.27 4.59 0.27
C ARG A 652 -4.82 3.93 1.58
N ASN A 653 -3.59 3.43 1.64
CA ASN A 653 -3.08 2.73 2.81
C ASN A 653 -3.96 1.56 3.29
N ILE A 654 -4.48 0.81 2.33
CA ILE A 654 -5.27 -0.36 2.63
C ILE A 654 -4.47 -1.56 2.12
N VAL A 655 -4.18 -2.50 3.02
CA VAL A 655 -3.67 -3.80 2.63
C VAL A 655 -4.88 -4.76 2.59
N TYR A 656 -5.01 -5.49 1.49
CA TYR A 656 -6.16 -6.38 1.24
C TYR A 656 -6.06 -7.66 2.08
N ARG A 657 -4.90 -8.28 2.02
CA ARG A 657 -4.49 -9.40 2.89
C ARG A 657 -5.06 -10.78 2.55
N ASP A 658 -6.03 -10.84 1.63
CA ASP A 658 -6.63 -12.11 1.22
C ASP A 658 -6.83 -12.26 -0.30
N LEU A 659 -5.84 -11.83 -1.07
CA LEU A 659 -5.95 -11.94 -2.52
C LEU A 659 -5.86 -13.41 -2.98
N LYS A 660 -6.91 -13.87 -3.66
CA LYS A 660 -6.98 -15.23 -4.26
C LYS A 660 -8.10 -15.26 -5.31
N PRO A 661 -8.00 -16.13 -6.32
CA PRO A 661 -9.04 -16.14 -7.38
C PRO A 661 -10.48 -16.22 -6.92
N GLU A 662 -10.75 -16.81 -5.75
CA GLU A 662 -12.11 -16.89 -5.20
C GLU A 662 -12.68 -15.51 -4.85
N ASN A 663 -11.81 -14.61 -4.42
CA ASN A 663 -12.27 -13.28 -4.03
C ASN A 663 -12.40 -12.26 -5.20
N ILE A 664 -12.33 -12.73 -6.44
CA ILE A 664 -12.51 -11.93 -7.62
C ILE A 664 -13.64 -12.46 -8.48
N LEU A 665 -14.66 -11.65 -8.70
CA LEU A 665 -15.73 -11.99 -9.63
C LEU A 665 -15.53 -11.36 -11.00
N LEU A 666 -16.26 -11.88 -11.98
CA LEU A 666 -16.29 -11.32 -13.32
C LEU A 666 -17.66 -10.74 -13.57
N ASP A 667 -17.68 -9.53 -14.14
CA ASP A 667 -18.93 -8.86 -14.53
C ASP A 667 -19.36 -9.35 -15.90
N LYS A 668 -20.54 -8.89 -16.33
CA LYS A 668 -21.15 -9.27 -17.62
C LYS A 668 -20.26 -9.04 -18.85
N GLN A 669 -19.37 -8.04 -18.81
CA GLN A 669 -18.47 -7.73 -19.93
C GLN A 669 -17.14 -8.54 -19.86
N GLY A 670 -16.88 -9.23 -18.75
CA GLY A 670 -15.70 -10.07 -18.57
C GLY A 670 -14.54 -9.40 -17.85
N TYR A 671 -14.80 -8.23 -17.24
CA TYR A 671 -13.83 -7.43 -16.48
C TYR A 671 -13.99 -7.75 -15.00
N VAL A 672 -12.91 -7.67 -14.23
CA VAL A 672 -12.90 -8.20 -12.88
C VAL A 672 -13.48 -7.27 -11.81
N LYS A 673 -13.93 -7.83 -10.70
CA LYS A 673 -14.37 -7.07 -9.54
C LYS A 673 -13.89 -7.75 -8.26
N LEU A 674 -12.97 -7.10 -7.56
CA LEU A 674 -12.48 -7.63 -6.30
C LEU A 674 -13.57 -7.46 -5.25
N ILE A 675 -13.84 -8.52 -4.50
CA ILE A 675 -14.86 -8.55 -3.44
C ILE A 675 -14.23 -8.97 -2.11
N ASP A 676 -15.05 -9.01 -1.06
CA ASP A 676 -14.68 -9.57 0.26
C ASP A 676 -13.51 -8.88 0.96
N PHE A 677 -13.84 -7.79 1.66
CA PHE A 677 -12.86 -7.01 2.41
C PHE A 677 -12.81 -7.33 3.92
N GLY A 678 -13.10 -8.58 4.27
CA GLY A 678 -13.07 -9.02 5.68
C GLY A 678 -11.68 -9.02 6.28
N CYS A 679 -10.67 -9.34 5.48
CA CYS A 679 -9.27 -9.33 5.92
C CYS A 679 -8.54 -8.00 5.71
N ALA A 680 -9.19 -7.06 5.03
CA ALA A 680 -8.54 -5.78 4.68
C ALA A 680 -8.42 -4.86 5.90
N LYS A 681 -7.37 -4.04 5.89
CA LYS A 681 -7.06 -3.15 7.03
C LYS A 681 -6.41 -1.84 6.55
N LYS A 682 -6.75 -0.76 7.24
CA LYS A 682 -6.06 0.52 7.07
C LYS A 682 -4.77 0.45 7.84
N ILE A 683 -3.68 0.57 7.10
CA ILE A 683 -2.38 0.22 7.60
C ILE A 683 -1.72 1.46 8.19
N GLN A 684 -1.67 1.49 9.52
CA GLN A 684 -1.06 2.57 10.26
C GLN A 684 0.26 2.02 10.81
N GLY A 685 1.26 1.98 9.94
CA GLY A 685 2.59 1.47 10.27
C GLY A 685 2.80 0.03 9.84
N ARG A 686 3.38 -0.77 10.71
CA ARG A 686 3.64 -2.17 10.40
C ARG A 686 2.49 -2.96 10.99
N ALA A 687 1.99 -3.95 10.22
CA ALA A 687 0.98 -4.90 10.73
C ALA A 687 1.61 -6.21 11.19
N TYR A 688 1.02 -6.81 12.22
CA TYR A 688 1.52 -8.05 12.82
C TYR A 688 0.55 -9.24 12.85
N THR A 689 -0.75 -8.98 12.92
CA THR A 689 -1.75 -10.03 13.05
C THR A 689 -1.67 -11.02 11.89
N LEU A 690 -1.89 -12.29 12.20
CA LEU A 690 -1.83 -13.35 11.20
C LEU A 690 -3.22 -13.60 10.60
N VAL A 691 -3.42 -13.09 9.37
CA VAL A 691 -4.70 -13.12 8.69
C VAL A 691 -4.49 -13.53 7.24
N GLY A 692 -5.49 -14.23 6.69
CA GLY A 692 -5.50 -14.59 5.28
C GLY A 692 -5.60 -16.07 5.05
N THR A 693 -5.39 -16.46 3.79
CA THR A 693 -5.49 -17.83 3.31
C THR A 693 -4.09 -18.42 3.18
N PRO A 694 -3.80 -19.53 3.89
CA PRO A 694 -2.43 -20.01 3.98
C PRO A 694 -1.67 -20.11 2.66
N HIS A 695 -2.27 -20.66 1.60
CA HIS A 695 -1.56 -20.85 0.33
C HIS A 695 -1.16 -19.54 -0.35
N TYR A 696 -1.85 -18.46 -0.01
CA TYR A 696 -1.60 -17.16 -0.60
C TYR A 696 -0.76 -16.26 0.32
N MET A 697 -0.45 -16.73 1.53
CA MET A 697 0.15 -15.88 2.57
C MET A 697 1.65 -15.72 2.33
N ALA A 698 2.10 -14.49 2.54
CA ALA A 698 3.48 -14.12 2.34
C ALA A 698 4.31 -14.54 3.56
N PRO A 699 5.58 -14.83 3.34
CA PRO A 699 6.39 -15.29 4.44
C PRO A 699 6.56 -14.30 5.58
N GLU A 700 6.44 -12.99 5.33
CA GLU A 700 6.64 -12.00 6.39
C GLU A 700 5.45 -11.90 7.37
N VAL A 701 4.27 -12.28 6.92
CA VAL A 701 3.10 -12.39 7.80
C VAL A 701 3.34 -13.56 8.77
N ILE A 702 3.80 -14.69 8.20
CA ILE A 702 4.05 -15.93 8.93
C ILE A 702 5.15 -15.74 9.97
N LEU A 703 6.25 -15.09 9.56
CA LEU A 703 7.40 -14.93 10.44
C LEU A 703 7.21 -13.91 11.58
N GLY A 704 6.13 -13.14 11.57
CA GLY A 704 5.74 -12.35 12.75
C GLY A 704 6.59 -11.14 13.10
N LYS A 705 7.44 -10.68 12.18
CA LYS A 705 8.37 -9.56 12.40
C LYS A 705 7.95 -8.27 11.69
N GLY A 706 6.70 -8.20 11.27
CA GLY A 706 6.13 -7.00 10.68
C GLY A 706 5.88 -7.14 9.21
N TYR A 707 4.76 -6.61 8.75
CA TYR A 707 4.50 -6.53 7.33
C TYR A 707 3.70 -5.30 6.96
N GLY A 708 3.59 -5.07 5.66
CA GLY A 708 2.81 -3.97 5.12
C GLY A 708 2.00 -4.40 3.93
N CYS A 709 1.71 -3.43 3.07
CA CYS A 709 1.01 -3.64 1.81
C CYS A 709 1.73 -4.62 0.88
N THR A 710 3.04 -4.78 1.05
CA THR A 710 3.82 -5.70 0.23
C THR A 710 3.24 -7.13 0.20
N VAL A 711 2.48 -7.52 1.22
CA VAL A 711 1.94 -8.88 1.26
C VAL A 711 1.05 -9.16 0.07
N ASP A 712 0.32 -8.14 -0.44
CA ASP A 712 -0.61 -8.36 -1.56
C ASP A 712 0.14 -8.60 -2.86
N ILE A 713 1.38 -8.15 -2.93
CA ILE A 713 2.18 -8.35 -4.16
C ILE A 713 2.74 -9.78 -4.25
N TRP A 714 3.10 -10.34 -3.10
CA TRP A 714 3.44 -11.74 -3.00
C TRP A 714 2.26 -12.62 -3.49
N ALA A 715 1.06 -12.35 -2.97
CA ALA A 715 -0.16 -13.03 -3.41
C ALA A 715 -0.41 -12.93 -4.90
N LEU A 716 0.02 -11.83 -5.46
CA LEU A 716 -0.13 -11.60 -6.90
C LEU A 716 0.76 -12.60 -7.63
N GLY A 717 1.97 -12.79 -7.10
CA GLY A 717 2.88 -13.86 -7.54
C GLY A 717 2.25 -15.27 -7.52
N VAL A 718 1.57 -15.61 -6.43
CA VAL A 718 0.84 -16.88 -6.31
C VAL A 718 -0.19 -17.01 -7.43
N CYS A 719 -0.97 -15.94 -7.65
CA CYS A 719 -2.00 -15.91 -8.69
C CYS A 719 -1.45 -16.10 -10.09
N LEU A 720 -0.36 -15.41 -10.41
CA LEU A 720 0.22 -15.51 -11.73
C LEU A 720 0.74 -16.92 -11.91
N TYR A 721 1.27 -17.50 -10.83
CA TYR A 721 1.78 -18.87 -10.88
C TYR A 721 0.63 -19.84 -11.20
N GLU A 722 -0.48 -19.76 -10.48
CA GLU A 722 -1.62 -20.61 -10.83
C GLU A 722 -2.08 -20.38 -12.25
N PHE A 723 -2.06 -19.14 -12.75
CA PHE A 723 -2.59 -18.82 -14.07
C PHE A 723 -1.74 -19.45 -15.13
N ILE A 724 -0.43 -19.28 -15.00
CA ILE A 724 0.50 -19.67 -16.05
C ILE A 724 0.92 -21.15 -15.91
N CYS A 725 1.28 -21.56 -14.69
CA CYS A 725 1.81 -22.92 -14.42
C CYS A 725 0.72 -23.95 -14.12
N GLY A 726 -0.26 -23.55 -13.31
CA GLY A 726 -1.46 -24.36 -13.08
C GLY A 726 -1.65 -24.57 -11.59
N PRO A 727 -0.80 -25.42 -11.00
CA PRO A 727 -0.93 -25.61 -9.54
C PRO A 727 -0.44 -24.38 -8.75
N LEU A 728 -0.74 -24.33 -7.46
CA LEU A 728 -0.10 -23.40 -6.57
C LEU A 728 1.40 -23.68 -6.52
N PRO A 729 2.24 -22.67 -6.21
CA PRO A 729 3.70 -22.92 -6.16
C PRO A 729 4.26 -23.54 -4.87
N PHE A 730 3.53 -23.36 -3.77
CA PHE A 730 3.90 -23.85 -2.47
C PHE A 730 2.72 -24.62 -1.84
N GLY A 731 3.01 -25.86 -1.41
CA GLY A 731 2.06 -26.66 -0.61
C GLY A 731 0.79 -27.07 -1.34
N ASN A 732 0.98 -27.31 -2.66
CA ASN A 732 -0.15 -27.54 -3.57
C ASN A 732 -0.93 -28.80 -3.20
N ASP A 733 -0.22 -29.82 -2.72
CA ASP A 733 -0.89 -31.02 -2.25
C ASP A 733 -1.27 -30.96 -0.76
N GLN A 734 -0.60 -30.12 0.03
CA GLN A 734 -0.82 -30.10 1.50
C GLN A 734 -2.17 -29.60 2.00
N GLU A 735 -2.78 -30.36 2.91
CA GLU A 735 -3.90 -29.91 3.76
C GLU A 735 -3.33 -29.27 5.05
N ASP A 736 -2.49 -30.04 5.75
CA ASP A 736 -1.79 -29.58 6.99
C ASP A 736 -1.14 -28.20 6.85
N GLN A 737 -1.68 -27.20 7.56
CA GLN A 737 -1.19 -25.82 7.49
C GLN A 737 0.28 -25.66 7.83
N LEU A 738 0.76 -26.41 8.82
CA LEU A 738 2.15 -26.29 9.20
C LEU A 738 3.05 -26.56 7.99
N GLU A 739 2.74 -27.62 7.26
CA GLU A 739 3.50 -27.98 6.06
C GLU A 739 3.34 -27.02 4.90
N ILE A 740 2.20 -26.33 4.83
CA ILE A 740 1.99 -25.28 3.81
C ILE A 740 2.96 -24.13 4.12
N PHE A 741 2.87 -23.59 5.33
CA PHE A 741 3.79 -22.55 5.78
C PHE A 741 5.26 -22.93 5.66
N ARG A 742 5.58 -24.22 5.86
CA ARG A 742 6.96 -24.68 5.67
C ARG A 742 7.36 -24.58 4.21
N ASP A 743 6.48 -24.96 3.28
CA ASP A 743 6.84 -24.86 1.88
C ASP A 743 6.98 -23.37 1.45
N ILE A 744 6.10 -22.51 1.99
CA ILE A 744 6.18 -21.08 1.73
C ILE A 744 7.52 -20.54 2.22
N LEU A 745 7.94 -20.94 3.42
CA LEU A 745 9.13 -20.33 4.01
C LEU A 745 10.44 -20.85 3.42
N THR A 746 10.56 -22.16 3.26
CA THR A 746 11.82 -22.81 2.85
C THR A 746 11.78 -23.72 1.60
N GLY A 747 10.59 -23.95 1.05
CA GLY A 747 10.45 -24.73 -0.14
C GLY A 747 11.11 -24.12 -1.35
N GLN A 748 11.40 -24.97 -2.31
CA GLN A 748 11.98 -24.53 -3.57
C GLN A 748 10.91 -24.18 -4.57
N LEU A 749 11.05 -23.03 -5.19
CA LEU A 749 10.15 -22.57 -6.22
C LEU A 749 10.64 -23.19 -7.51
N THR A 750 9.78 -23.95 -8.17
CA THR A 750 10.16 -24.57 -9.43
C THR A 750 9.07 -24.24 -10.44
N PHE A 751 9.46 -24.42 -11.72
CA PHE A 751 8.56 -24.21 -12.82
C PHE A 751 8.61 -25.39 -13.74
N PRO A 752 7.42 -25.88 -14.16
CA PRO A 752 7.35 -27.03 -15.05
C PRO A 752 7.96 -26.74 -16.40
N ASP A 753 8.30 -27.81 -17.12
CA ASP A 753 8.94 -27.72 -18.42
C ASP A 753 8.08 -27.12 -19.53
N TYR A 754 6.75 -27.12 -19.37
CA TYR A 754 5.85 -26.58 -20.40
C TYR A 754 5.73 -25.03 -20.37
N VAL A 755 6.24 -24.38 -19.31
CA VAL A 755 6.30 -22.89 -19.20
C VAL A 755 7.46 -22.39 -20.06
N SER A 756 7.12 -21.87 -21.22
CA SER A 756 8.07 -21.55 -22.26
C SER A 756 8.44 -20.04 -22.31
N ASP A 757 7.92 -19.22 -21.39
CA ASP A 757 8.14 -17.75 -21.45
C ASP A 757 9.07 -17.23 -20.34
N GLN A 758 10.30 -16.94 -20.74
CA GLN A 758 11.32 -16.49 -19.83
C GLN A 758 10.89 -15.22 -19.01
N ASP A 759 10.13 -14.30 -19.62
CA ASP A 759 9.66 -13.14 -18.89
C ASP A 759 8.63 -13.46 -17.83
N SER A 760 7.71 -14.36 -18.14
CA SER A 760 6.71 -14.79 -17.13
C SER A 760 7.35 -15.36 -15.89
N ILE A 761 8.34 -16.21 -16.14
CA ILE A 761 9.15 -16.82 -15.09
C ILE A 761 9.88 -15.74 -14.28
N ASN A 762 10.58 -14.88 -15.00
CA ASN A 762 11.30 -13.81 -14.34
C ASN A 762 10.36 -13.05 -13.39
N LEU A 763 9.17 -12.71 -13.90
CA LEU A 763 8.18 -12.01 -13.15
C LEU A 763 7.70 -12.81 -11.96
N MET A 764 7.38 -14.10 -12.18
CA MET A 764 6.90 -14.94 -11.09
C MET A 764 7.95 -15.07 -9.99
N LYS A 765 9.22 -15.21 -10.36
CA LYS A 765 10.28 -15.28 -9.32
C LYS A 765 10.40 -14.00 -8.49
N ARG A 766 10.20 -12.85 -9.13
CA ARG A 766 10.40 -11.59 -8.43
C ARG A 766 9.20 -11.15 -7.63
N LEU A 767 8.00 -11.57 -8.03
CA LEU A 767 6.83 -11.40 -7.20
C LEU A 767 6.91 -12.34 -5.99
N LEU A 768 7.46 -13.54 -6.21
CA LEU A 768 7.59 -14.57 -5.14
C LEU A 768 8.96 -14.52 -4.50
N CYS A 769 9.55 -13.33 -4.40
CA CYS A 769 10.79 -13.15 -3.65
C CYS A 769 10.49 -13.14 -2.16
N ARG A 770 11.11 -14.02 -1.39
CA ARG A 770 10.81 -14.14 0.03
C ARG A 770 11.02 -12.88 0.89
N LEU A 771 12.10 -12.12 0.62
CA LEU A 771 12.37 -10.85 1.35
C LEU A 771 11.72 -9.70 0.59
N PRO A 772 10.83 -8.94 1.25
CA PRO A 772 10.11 -7.80 0.63
C PRO A 772 10.99 -6.78 -0.11
N GLN A 773 12.14 -6.43 0.45
CA GLN A 773 13.07 -5.51 -0.21
C GLN A 773 13.61 -6.05 -1.55
N GLY A 774 13.63 -7.35 -1.77
CA GLY A 774 14.02 -7.90 -3.08
C GLY A 774 12.85 -8.07 -4.03
N ARG A 775 11.64 -7.83 -3.57
CA ARG A 775 10.45 -8.19 -4.33
C ARG A 775 10.02 -7.06 -5.27
N ILE A 776 9.96 -7.34 -6.57
CA ILE A 776 9.49 -6.39 -7.54
C ILE A 776 8.17 -5.74 -7.11
N GLY A 777 8.06 -4.44 -7.37
CA GLY A 777 6.91 -3.67 -6.93
C GLY A 777 6.93 -3.11 -5.52
N CYS A 778 7.98 -3.39 -4.74
CA CYS A 778 8.03 -2.97 -3.32
C CYS A 778 9.08 -1.91 -3.00
N SER A 779 9.62 -1.28 -4.04
CA SER A 779 10.59 -0.23 -3.89
C SER A 779 9.84 1.11 -4.10
N ILE A 780 10.61 2.18 -4.19
CA ILE A 780 9.99 3.52 -4.22
C ILE A 780 9.01 3.78 -5.40
N ASN A 781 9.33 3.22 -6.56
CA ASN A 781 8.48 3.22 -7.75
C ASN A 781 7.15 2.46 -7.66
N GLY A 782 6.96 1.63 -6.65
CA GLY A 782 5.75 0.81 -6.53
C GLY A 782 5.44 -0.05 -7.76
N PHE A 783 4.18 -0.07 -8.14
CA PHE A 783 3.73 -0.91 -9.24
C PHE A 783 4.30 -0.58 -10.59
N LYS A 784 4.91 0.60 -10.73
CA LYS A 784 5.52 0.98 -12.00
C LYS A 784 6.52 -0.08 -12.50
N ASP A 785 7.32 -0.60 -11.58
CA ASP A 785 8.28 -1.69 -11.91
C ASP A 785 7.62 -2.98 -12.43
N ILE A 786 6.46 -3.29 -11.88
CA ILE A 786 5.63 -4.37 -12.36
C ILE A 786 5.04 -4.03 -13.72
N LYS A 787 4.39 -2.87 -13.85
CA LYS A 787 3.73 -2.50 -15.11
C LYS A 787 4.68 -2.40 -16.30
N GLU A 788 5.92 -2.00 -16.03
CA GLU A 788 6.94 -1.85 -17.06
C GLU A 788 7.85 -3.07 -17.24
N HIS A 789 7.63 -4.12 -16.45
CA HIS A 789 8.31 -5.43 -16.61
C HIS A 789 8.06 -5.99 -18.00
N ALA A 790 9.06 -6.65 -18.58
CA ALA A 790 8.95 -7.16 -19.97
C ALA A 790 7.78 -8.13 -20.25
N PHE A 791 7.33 -8.86 -19.25
CA PHE A 791 6.05 -9.58 -19.26
C PHE A 791 4.90 -8.78 -19.81
N PHE A 792 4.82 -7.50 -19.43
CA PHE A 792 3.77 -6.61 -19.90
C PHE A 792 4.20 -5.79 -21.12
N GLY A 793 5.32 -6.13 -21.75
CA GLY A 793 5.88 -5.33 -22.82
C GLY A 793 4.90 -5.01 -23.90
N ASN A 794 4.04 -5.94 -24.28
CA ASN A 794 3.07 -5.65 -25.37
C ASN A 794 1.66 -5.21 -24.89
N PHE A 795 1.53 -4.83 -23.62
CA PHE A 795 0.25 -4.72 -22.97
C PHE A 795 -0.08 -3.26 -22.71
N ASN A 796 -1.28 -2.90 -23.11
CA ASN A 796 -1.75 -1.52 -23.07
C ASN A 796 -2.59 -1.27 -21.83
N TRP A 797 -1.92 -0.86 -20.78
CA TRP A 797 -2.57 -0.50 -19.50
C TRP A 797 -3.68 0.53 -19.62
N ASP A 798 -3.53 1.41 -20.60
CA ASP A 798 -4.47 2.44 -20.89
C ASP A 798 -5.86 1.91 -21.28
N LYS A 799 -5.85 0.94 -22.18
CA LYS A 799 -7.06 0.30 -22.64
C LYS A 799 -7.73 -0.64 -21.61
N LEU A 800 -7.02 -1.00 -20.55
CA LEU A 800 -7.56 -1.95 -19.58
C LEU A 800 -8.65 -1.29 -18.77
N ALA A 801 -8.27 -0.22 -18.08
CA ALA A 801 -9.17 0.56 -17.22
C ALA A 801 -10.36 1.16 -18.00
N GLY A 802 -10.09 1.50 -19.28
CA GLY A 802 -11.08 1.98 -20.20
C GLY A 802 -11.95 0.98 -20.95
N ARG A 803 -11.90 -0.29 -20.57
CA ARG A 803 -12.69 -1.36 -21.21
C ARG A 803 -12.60 -1.36 -22.71
N LEU A 804 -11.38 -1.25 -23.22
CA LEU A 804 -11.12 -1.27 -24.65
C LEU A 804 -10.35 -2.56 -25.07
N LEU A 805 -10.22 -3.53 -24.18
CA LEU A 805 -9.59 -4.80 -24.53
C LEU A 805 -10.61 -5.93 -24.57
N GLU A 806 -10.46 -6.84 -25.53
CA GLU A 806 -11.24 -8.11 -25.56
C GLU A 806 -10.78 -8.95 -24.37
N PRO A 807 -11.65 -9.21 -23.37
CA PRO A 807 -11.24 -10.01 -22.23
C PRO A 807 -11.23 -11.54 -22.54
N PRO A 808 -10.65 -12.35 -21.64
CA PRO A 808 -10.42 -13.75 -21.94
C PRO A 808 -11.69 -14.63 -22.07
N LEU A 809 -12.70 -14.29 -21.26
CA LEU A 809 -13.92 -15.08 -21.11
C LEU A 809 -15.15 -14.17 -20.86
N VAL A 810 -16.10 -14.17 -21.79
CA VAL A 810 -17.39 -13.47 -21.60
C VAL A 810 -18.47 -14.52 -21.37
N SER A 811 -19.17 -14.40 -20.24
CA SER A 811 -20.16 -15.38 -19.80
C SER A 811 -21.41 -15.31 -20.69
N LYS A 812 -21.91 -16.45 -21.16
CA LYS A 812 -23.18 -16.48 -21.87
C LYS A 812 -24.25 -16.58 -20.79
N GLY A 813 -25.06 -15.55 -20.64
CA GLY A 813 -26.02 -15.49 -19.55
C GLY A 813 -25.35 -15.38 -18.18
N GLU A 814 -26.19 -15.38 -17.13
CA GLU A 814 -25.72 -15.17 -15.75
C GLU A 814 -25.17 -16.46 -15.19
N THR A 815 -24.31 -16.33 -14.19
CA THR A 815 -23.55 -17.45 -13.60
C THR A 815 -23.21 -17.13 -12.16
N TYR A 816 -23.68 -17.95 -11.23
CA TYR A 816 -23.42 -17.73 -9.80
C TYR A 816 -22.74 -18.95 -9.21
N ALA A 817 -22.15 -18.78 -8.04
CA ALA A 817 -21.42 -19.87 -7.36
C ALA A 817 -22.36 -20.92 -6.71
N GLU A 818 -23.31 -21.44 -7.49
CA GLU A 818 -24.51 -22.09 -6.94
C GLU A 818 -24.36 -23.59 -6.59
N ASP A 819 -23.84 -24.39 -7.52
CA ASP A 819 -23.62 -25.83 -7.27
C ASP A 819 -22.30 -26.08 -6.55
N ILE A 820 -21.29 -25.25 -6.81
CA ILE A 820 -19.97 -25.34 -6.16
C ILE A 820 -20.04 -25.01 -4.67
N ASP A 841 -27.47 5.43 10.80
CA ASP A 841 -27.48 4.01 11.11
C ASP A 841 -26.05 3.48 11.32
N SER A 842 -25.49 3.80 12.49
CA SER A 842 -24.12 3.39 12.85
C SER A 842 -24.10 1.95 13.40
N TRP A 843 -23.20 1.14 12.85
CA TRP A 843 -23.10 -0.29 13.21
C TRP A 843 -22.51 -0.50 14.61
N ASP A 844 -23.32 -1.04 15.53
CA ASP A 844 -22.88 -1.25 16.91
C ASP A 844 -23.64 -2.41 17.58
#